data_6FUR
#
_entry.id   6FUR
#
_cell.length_a   50.650
_cell.length_b   114.860
_cell.length_c   85.330
_cell.angle_alpha   90.00
_cell.angle_beta   91.01
_cell.angle_gamma   90.00
#
_symmetry.space_group_name_H-M   'P 1 21 1'
#
loop_
_entity.id
_entity.type
_entity.pdbx_description
1 polymer 'Human F11 T-Cell Receptor alpha chain'
2 polymer 'Human F11 T-Cell Receptor'
3 non-polymer 1,2-ETHANEDIOL
4 non-polymer 'SULFATE ION'
5 non-polymer GLYCEROL
6 water water
#
loop_
_entity_poly.entity_id
_entity_poly.type
_entity_poly.pdbx_seq_one_letter_code
_entity_poly.pdbx_strand_id
1 'polypeptide(L)'
;AQSVTQLGSHVSVSEGALVLLRCNYSSSVPPYLFWYVQYPNQGLQLLLKYTSAATLVKGINGFEAEFKKSETSFHLTKPS
AHMSDAAEYFCAVSEQDDKIIFGKGTRLHILPNIQNPDPAVYQLRDSKSSDKSVCLFTDFDSQTNVSQSKDSDVYITDKC
VLDMRSMDFKSNSAVAWSNKSDFACANAFNNSIIPEDTFFPS
;
A,C
2 'polypeptide(L)'
;ADVTQTPRNRITKTGKRIMLECSQTKGHDRMYWYRQDPGLGLRLIYYSFDVKDINKGEISDGYSVSRQAQAKFSLSLESA
IPNQTALYFCATSDESYGYTFGSGTRLTVVEDLNKVSPPEVAVFEPSEAEISHTQKATLVCLATGFYPDHVELSWWVNGK
EVHSGVCTDPQPLKEQPALNDSRYSLSSRLRVSATFWQNPRNHFRCQVQFYGLSENDEWTQDRAKPVTQIVSAEAWGRAD
;
B,D
#
loop_
_chem_comp.id
_chem_comp.type
_chem_comp.name
_chem_comp.formula
EDO non-polymer 1,2-ETHANEDIOL 'C2 H6 O2'
GOL non-polymer GLYCEROL 'C3 H8 O3'
SO4 non-polymer 'SULFATE ION' 'O4 S -2'
#
# COMPACT_ATOMS: atom_id res chain seq x y z
N ALA A 1 36.41 -4.14 2.45
CA ALA A 1 36.96 -4.73 1.16
C ALA A 1 35.84 -5.09 0.17
N GLN A 2 35.72 -6.36 -0.31
CA GLN A 2 34.65 -6.77 -1.21
C GLN A 2 33.31 -5.99 -1.01
N SER A 3 32.56 -6.14 0.10
CA SER A 3 31.24 -5.45 0.22
C SER A 3 30.67 -5.21 1.64
N VAL A 4 29.50 -4.58 1.68
CA VAL A 4 28.83 -4.30 2.90
C VAL A 4 27.33 -4.43 2.61
N THR A 5 26.61 -5.01 3.54
CA THR A 5 25.21 -5.40 3.31
C THR A 5 24.31 -4.84 4.40
N GLN A 6 23.25 -4.13 3.98
CA GLN A 6 22.23 -3.69 4.85
C GLN A 6 20.98 -4.23 4.15
N LEU A 7 20.17 -4.94 4.87
CA LEU A 7 18.92 -5.43 4.27
C LEU A 7 17.73 -4.72 4.89
N GLY A 8 16.76 -4.46 4.04
CA GLY A 8 15.52 -3.77 4.33
C GLY A 8 15.72 -2.29 4.02
N SER A 9 15.18 -1.80 2.89
CA SER A 9 15.29 -0.39 2.59
C SER A 9 14.57 0.49 3.61
N HIS A 10 13.44 0.00 4.16
CA HIS A 10 12.63 0.71 5.11
C HIS A 10 12.35 -0.22 6.28
N VAL A 11 12.67 0.27 7.48
CA VAL A 11 12.43 -0.49 8.71
C VAL A 11 11.71 0.35 9.78
N SER A 12 11.04 -0.34 10.71
CA SER A 12 10.28 0.25 11.74
C SER A 12 10.81 -0.08 13.10
N VAL A 13 10.57 0.83 14.01
CA VAL A 13 10.75 0.61 15.44
C VAL A 13 9.68 1.39 16.19
N SER A 14 9.24 0.81 17.32
CA SER A 14 8.29 1.48 18.18
C SER A 14 9.01 2.61 18.93
N GLU A 15 8.36 3.75 19.05
CA GLU A 15 8.89 4.87 19.87
C GLU A 15 9.16 4.33 21.28
N GLY A 16 10.38 4.58 21.77
CA GLY A 16 10.76 4.14 23.12
C GLY A 16 11.48 2.77 23.15
N ALA A 17 11.40 2.00 22.08
CA ALA A 17 11.99 0.67 22.07
C ALA A 17 13.43 0.73 21.52
N LEU A 18 14.14 -0.37 21.74
CA LEU A 18 15.52 -0.50 21.32
C LEU A 18 15.68 -0.31 19.78
N VAL A 19 16.65 0.50 19.35
CA VAL A 19 16.99 0.63 17.91
C VAL A 19 18.10 -0.37 17.61
N LEU A 20 17.93 -1.12 16.52
CA LEU A 20 18.96 -2.06 16.07
C LEU A 20 18.95 -2.05 14.56
N LEU A 21 19.99 -1.53 13.92
CA LEU A 21 20.06 -1.55 12.44
C LEU A 21 21.22 -2.43 12.03
N ARG A 22 20.97 -3.42 11.18
CA ARG A 22 21.94 -4.48 10.93
C ARG A 22 22.88 -4.14 9.78
N CYS A 23 24.17 -4.49 9.96
CA CYS A 23 25.14 -4.40 8.92
C CYS A 23 26.13 -5.56 8.99
N ASN A 24 26.37 -6.16 7.82
CA ASN A 24 27.37 -7.19 7.69
C ASN A 24 28.31 -6.86 6.58
N TYR A 25 29.53 -7.37 6.64
CA TYR A 25 30.52 -7.10 5.62
C TYR A 25 31.10 -8.43 5.11
N SER A 26 31.70 -8.39 3.93
CA SER A 26 32.43 -9.48 3.42
C SER A 26 33.85 -8.92 3.36
N SER A 27 34.76 -9.39 4.12
CA SER A 27 36.18 -8.96 3.88
C SER A 27 36.84 -9.99 4.64
N SER A 28 37.84 -10.63 4.05
CA SER A 28 38.65 -11.60 4.76
C SER A 28 39.38 -10.92 5.96
N VAL A 29 40.20 -9.89 5.73
CA VAL A 29 40.82 -9.17 6.89
C VAL A 29 39.86 -8.11 7.42
N PRO A 30 39.75 -7.96 8.78
CA PRO A 30 38.82 -6.97 9.29
C PRO A 30 39.03 -5.59 8.66
N PRO A 31 37.94 -4.94 8.25
CA PRO A 31 38.06 -3.64 7.66
C PRO A 31 37.83 -2.57 8.71
N TYR A 32 38.02 -1.31 8.32
CA TYR A 32 37.36 -0.22 9.06
C TYR A 32 35.89 -0.17 8.64
N LEU A 33 35.03 0.22 9.58
CA LEU A 33 33.59 0.25 9.37
C LEU A 33 33.05 1.58 9.88
N PHE A 34 31.99 2.08 9.25
CA PHE A 34 31.51 3.48 9.47
C PHE A 34 29.96 3.41 9.47
N TRP A 35 29.32 4.21 10.34
CA TRP A 35 27.85 4.40 10.23
C TRP A 35 27.68 5.91 10.05
N TYR A 36 26.92 6.28 8.98
CA TYR A 36 26.56 7.62 8.68
C TYR A 36 25.04 7.74 8.78
N VAL A 37 24.60 8.90 9.14
CA VAL A 37 23.17 9.30 9.16
C VAL A 37 22.95 10.47 8.18
N GLN A 38 21.73 10.55 7.59
CA GLN A 38 21.34 11.57 6.68
C GLN A 38 19.86 11.94 6.94
N TYR A 39 19.64 13.17 7.32
CA TYR A 39 18.26 13.75 7.37
C TYR A 39 17.78 14.21 6.05
N PRO A 40 16.44 14.40 5.90
CA PRO A 40 15.94 14.82 4.57
C PRO A 40 16.50 16.16 4.06
N ASN A 41 16.90 16.16 2.80
CA ASN A 41 17.53 17.29 2.11
C ASN A 41 18.87 17.76 2.75
N GLN A 42 19.46 16.93 3.63
CA GLN A 42 20.73 17.24 4.30
C GLN A 42 21.80 16.26 3.81
N GLY A 43 23.04 16.51 4.22
CA GLY A 43 24.16 15.69 3.81
C GLY A 43 24.43 14.61 4.83
N LEU A 44 25.63 14.02 4.75
CA LEU A 44 25.99 12.89 5.56
C LEU A 44 26.71 13.31 6.82
N GLN A 45 26.34 12.71 7.95
CA GLN A 45 27.00 12.95 9.21
C GLN A 45 27.50 11.65 9.80
N LEU A 46 28.79 11.59 10.17
CA LEU A 46 29.32 10.37 10.74
C LEU A 46 28.80 10.18 12.18
N LEU A 47 28.31 8.99 12.48
CA LEU A 47 27.84 8.64 13.84
C LEU A 47 28.93 8.01 14.65
N LEU A 48 29.60 7.05 14.05
CA LEU A 48 30.70 6.35 14.73
C LEU A 48 31.43 5.51 13.72
N LYS A 49 32.61 5.05 14.11
CA LYS A 49 33.39 4.18 13.26
C LYS A 49 34.28 3.26 14.09
N TYR A 50 34.50 2.08 13.54
CA TYR A 50 35.48 1.09 14.00
C TYR A 50 36.78 1.27 13.24
N THR A 51 37.86 1.53 13.98
CA THR A 51 39.12 1.81 13.35
C THR A 51 40.23 0.94 13.97
N SER A 52 39.86 -0.33 14.26
CA SER A 52 40.68 -1.38 14.90
C SER A 52 41.16 -1.03 16.33
N ALA A 53 40.39 -0.22 17.04
CA ALA A 53 40.76 0.10 18.42
C ALA A 53 39.82 -0.71 19.32
N ALA A 54 38.98 -0.06 20.11
CA ALA A 54 37.97 -0.77 20.85
C ALA A 54 36.96 -1.42 19.86
N THR A 55 36.55 -2.64 20.14
CA THR A 55 35.44 -3.28 19.39
C THR A 55 34.07 -2.71 19.71
N LEU A 56 33.85 -2.22 20.93
CA LEU A 56 32.64 -1.49 21.28
C LEU A 56 32.91 0.00 21.07
N VAL A 57 32.24 0.57 20.08
CA VAL A 57 32.47 1.94 19.65
C VAL A 57 31.23 2.76 19.99
N LYS A 58 31.48 3.95 20.50
CA LYS A 58 30.40 4.78 20.99
C LYS A 58 30.36 5.99 20.13
N GLY A 59 29.16 6.45 19.86
CA GLY A 59 29.01 7.62 19.08
C GLY A 59 28.20 8.63 19.78
N ILE A 60 27.78 9.61 18.99
CA ILE A 60 26.98 10.72 19.45
C ILE A 60 25.58 10.19 19.76
N ASN A 61 24.90 10.82 20.71
CA ASN A 61 23.50 10.55 21.06
C ASN A 61 23.11 9.18 21.65
N GLY A 62 24.06 8.43 22.20
CA GLY A 62 23.70 7.12 22.75
C GLY A 62 23.81 6.00 21.73
N PHE A 63 24.21 6.34 20.51
CA PHE A 63 24.46 5.35 19.50
C PHE A 63 25.72 4.58 19.88
N GLU A 64 25.64 3.27 19.66
CA GLU A 64 26.86 2.45 19.74
C GLU A 64 26.81 1.29 18.74
N ALA A 65 27.97 0.72 18.48
CA ALA A 65 28.04 -0.45 17.61
C ALA A 65 29.19 -1.35 18.06
N GLU A 66 28.94 -2.66 18.12
CA GLU A 66 29.98 -3.66 18.41
C GLU A 66 30.50 -4.38 17.15
N PHE A 67 31.81 -4.29 16.93
CA PHE A 67 32.45 -5.04 15.85
C PHE A 67 32.60 -6.49 16.27
N LYS A 68 32.03 -7.41 15.51
CA LYS A 68 32.07 -8.87 15.82
C LYS A 68 32.61 -9.61 14.60
N LYS A 69 33.91 -9.92 14.65
CA LYS A 69 34.58 -10.52 13.51
C LYS A 69 33.97 -11.88 13.12
N SER A 70 33.65 -12.72 14.11
CA SER A 70 33.20 -14.07 13.80
C SER A 70 31.80 -14.11 13.22
N GLU A 71 31.01 -13.04 13.33
CA GLU A 71 29.75 -12.98 12.60
C GLU A 71 29.76 -11.89 11.53
N THR A 72 30.97 -11.44 11.16
CA THR A 72 31.23 -10.28 10.26
C THR A 72 30.14 -9.19 10.32
N SER A 73 29.88 -8.71 11.53
CA SER A 73 28.83 -7.76 11.79
C SER A 73 29.30 -6.50 12.52
N PHE A 74 28.50 -5.45 12.37
CA PHE A 74 28.75 -4.15 12.98
C PHE A 74 27.39 -3.50 13.10
N HIS A 75 26.54 -4.06 13.96
CA HIS A 75 25.12 -3.59 14.04
C HIS A 75 25.09 -2.27 14.87
N LEU A 76 24.30 -1.30 14.41
CA LEU A 76 24.17 0.01 15.11
C LEU A 76 23.05 -0.08 16.08
N THR A 77 23.24 0.36 17.34
CA THR A 77 22.15 0.30 18.32
C THR A 77 22.03 1.62 19.06
N LYS A 78 20.84 1.86 19.58
CA LYS A 78 20.59 3.02 20.44
C LYS A 78 19.52 2.56 21.46
N PRO A 79 19.60 3.04 22.73
CA PRO A 79 18.74 2.42 23.74
C PRO A 79 17.23 2.55 23.50
N SER A 80 16.84 3.70 22.98
CA SER A 80 15.46 4.07 22.85
C SER A 80 15.25 4.85 21.54
N ALA A 81 14.18 4.51 20.81
CA ALA A 81 13.88 5.26 19.60
C ALA A 81 13.09 6.54 19.94
N HIS A 82 13.62 7.69 19.46
CA HIS A 82 12.94 8.98 19.62
C HIS A 82 12.43 9.35 18.19
N MET A 83 11.43 10.23 18.09
CA MET A 83 10.91 10.62 16.78
C MET A 83 12.02 11.28 15.94
N SER A 84 12.91 12.04 16.57
CA SER A 84 14.02 12.70 15.89
C SER A 84 15.04 11.72 15.31
N ASP A 85 14.94 10.42 15.59
CA ASP A 85 15.82 9.42 15.00
C ASP A 85 15.42 9.01 13.58
N ALA A 86 14.26 9.51 13.10
CA ALA A 86 13.77 9.21 11.74
C ALA A 86 14.73 9.82 10.75
N ALA A 87 15.42 8.96 10.01
CA ALA A 87 16.42 9.36 9.07
C ALA A 87 16.83 8.14 8.21
N GLU A 88 17.80 8.35 7.32
CA GLU A 88 18.38 7.25 6.60
C GLU A 88 19.81 7.00 7.15
N TYR A 89 20.09 5.73 7.38
CA TYR A 89 21.34 5.28 7.94
C TYR A 89 22.12 4.44 6.97
N PHE A 90 23.43 4.70 6.86
CA PHE A 90 24.24 3.95 5.94
C PHE A 90 25.43 3.36 6.64
N CYS A 91 25.66 2.07 6.44
CA CYS A 91 26.88 1.42 6.92
CA CYS A 91 26.88 1.42 6.92
CA CYS A 91 26.93 1.48 6.92
C CYS A 91 27.91 1.44 5.80
N ALA A 92 29.18 1.50 6.11
CA ALA A 92 30.18 1.66 5.04
C ALA A 92 31.47 0.98 5.50
N VAL A 93 32.30 0.64 4.56
CA VAL A 93 33.53 -0.11 4.81
C VAL A 93 34.73 0.38 4.04
N SER A 94 35.94 0.25 4.60
CA SER A 94 37.12 0.51 3.84
C SER A 94 37.28 -0.51 2.72
N GLU A 95 37.81 -0.07 1.61
CA GLU A 95 38.03 -0.92 0.44
C GLU A 95 39.32 -0.61 -0.31
N GLN A 96 40.04 -1.68 -0.68
CA GLN A 96 41.22 -1.59 -1.52
C GLN A 96 42.24 -0.55 -1.02
N ASP A 97 42.28 -0.36 0.31
CA ASP A 97 43.24 0.57 0.94
C ASP A 97 43.15 2.01 0.41
N ASP A 98 42.02 2.41 -0.19
CA ASP A 98 42.00 3.71 -0.86
C ASP A 98 40.62 4.41 -0.92
N LYS A 99 39.63 3.90 -0.25
CA LYS A 99 38.26 4.40 -0.39
C LYS A 99 37.33 3.82 0.59
N ILE A 100 36.18 4.49 0.75
CA ILE A 100 35.07 3.94 1.47
C ILE A 100 33.97 3.59 0.47
N ILE A 101 33.45 2.38 0.64
CA ILE A 101 32.26 1.89 -0.04
C ILE A 101 31.09 1.85 0.87
N PHE A 102 29.96 2.34 0.34
CA PHE A 102 28.74 2.49 1.11
C PHE A 102 27.73 1.38 0.86
N GLY A 103 27.03 1.01 1.93
CA GLY A 103 25.84 0.12 1.84
C GLY A 103 24.69 0.84 1.19
N LYS A 104 23.61 0.12 0.96
CA LYS A 104 22.45 0.68 0.26
C LYS A 104 21.60 1.59 1.05
N GLY A 105 21.76 1.61 2.38
CA GLY A 105 20.97 2.42 3.23
C GLY A 105 19.68 1.78 3.76
N THR A 106 19.34 2.14 5.00
N THR A 106 19.34 2.14 5.00
CA THR A 106 18.05 1.79 5.55
CA THR A 106 18.06 1.78 5.57
C THR A 106 17.41 3.04 6.14
C THR A 106 17.41 3.04 6.13
N ARG A 107 16.13 3.27 5.81
CA ARG A 107 15.37 4.40 6.40
C ARG A 107 14.60 3.89 7.62
N LEU A 108 14.84 4.52 8.74
CA LEU A 108 14.24 4.20 10.00
C LEU A 108 12.97 5.06 10.23
N HIS A 109 11.86 4.34 10.38
CA HIS A 109 10.54 4.90 10.65
C HIS A 109 10.18 4.64 12.13
N ILE A 110 9.85 5.69 12.87
CA ILE A 110 9.53 5.51 14.29
C ILE A 110 8.02 5.58 14.41
N LEU A 111 7.47 4.51 14.97
CA LEU A 111 6.02 4.41 15.15
C LEU A 111 5.69 5.09 16.46
N PRO A 112 4.93 6.20 16.45
CA PRO A 112 4.62 6.85 17.71
C PRO A 112 3.78 6.02 18.67
N ASN A 113 4.06 6.19 19.96
CA ASN A 113 3.24 5.61 21.00
C ASN A 113 1.90 6.32 21.11
N ILE A 114 0.85 5.69 20.64
CA ILE A 114 -0.48 6.31 20.65
C ILE A 114 -1.28 5.46 21.64
N GLN A 115 -1.42 5.93 22.88
CA GLN A 115 -2.27 5.23 23.87
C GLN A 115 -3.79 5.33 23.53
N ASN A 116 -4.20 6.49 23.03
CA ASN A 116 -5.64 6.85 22.81
C ASN A 116 -5.88 7.27 21.37
N PRO A 117 -5.90 6.32 20.43
CA PRO A 117 -6.14 6.77 19.05
C PRO A 117 -7.54 7.38 18.90
N ASP A 118 -7.72 8.26 17.91
CA ASP A 118 -8.96 8.93 17.68
C ASP A 118 -9.15 9.09 16.15
N PRO A 119 -9.19 7.94 15.42
CA PRO A 119 -9.22 8.00 13.94
C PRO A 119 -10.40 8.79 13.45
N ALA A 120 -10.17 9.64 12.42
CA ALA A 120 -11.19 10.47 11.90
C ALA A 120 -10.85 10.82 10.44
N VAL A 121 -11.88 11.06 9.66
CA VAL A 121 -11.73 11.68 8.32
C VAL A 121 -12.46 13.02 8.30
N TYR A 122 -11.68 14.07 8.09
CA TYR A 122 -12.18 15.42 8.06
C TYR A 122 -12.14 15.99 6.62
N GLN A 123 -13.06 16.88 6.31
CA GLN A 123 -13.01 17.62 5.05
C GLN A 123 -12.48 19.03 5.33
N LEU A 124 -11.48 19.46 4.57
CA LEU A 124 -10.88 20.80 4.68
C LEU A 124 -11.12 21.68 3.43
N ARG A 125 -11.42 22.97 3.62
CA ARG A 125 -11.67 23.86 2.46
C ARG A 125 -10.59 24.85 2.10
N ASP A 126 -10.46 25.14 0.79
CA ASP A 126 -9.43 26.09 0.28
C ASP A 126 -9.58 27.46 0.97
N SER A 127 -8.47 28.02 1.47
CA SER A 127 -8.46 29.35 2.14
C SER A 127 -8.96 30.47 1.26
N LYS A 128 -8.70 30.36 -0.04
CA LYS A 128 -9.35 31.25 -1.00
C LYS A 128 -10.01 30.33 -2.02
N SER A 129 -11.11 29.70 -1.59
CA SER A 129 -11.79 28.71 -2.42
C SER A 129 -12.52 29.30 -3.66
N SER A 130 -12.36 28.60 -4.78
CA SER A 130 -13.41 28.54 -5.82
C SER A 130 -14.02 27.13 -5.72
N ASP A 131 -14.46 26.78 -4.51
CA ASP A 131 -15.09 25.49 -4.18
C ASP A 131 -14.16 24.24 -4.26
N LYS A 132 -12.96 24.37 -3.67
CA LYS A 132 -11.96 23.31 -3.62
C LYS A 132 -11.76 22.77 -2.17
N SER A 133 -11.59 21.45 -2.07
CA SER A 133 -11.34 20.75 -0.78
C SER A 133 -10.45 19.50 -0.91
N VAL A 134 -9.99 19.07 0.25
CA VAL A 134 -9.28 17.84 0.42
C VAL A 134 -9.85 17.12 1.66
N CYS A 135 -9.50 15.86 1.78
CA CYS A 135 -9.91 15.02 2.92
C CYS A 135 -8.67 14.65 3.71
N LEU A 136 -8.78 14.70 5.05
CA LEU A 136 -7.64 14.40 5.91
C LEU A 136 -8.01 13.24 6.82
N PHE A 137 -7.32 12.10 6.65
CA PHE A 137 -7.54 10.94 7.51
C PHE A 137 -6.46 11.09 8.59
N THR A 138 -6.82 11.09 9.86
CA THR A 138 -5.83 11.44 10.91
C THR A 138 -6.13 10.71 12.19
N ASP A 139 -5.09 10.61 13.04
CA ASP A 139 -5.20 10.21 14.46
C ASP A 139 -5.45 8.70 14.67
N PHE A 140 -5.15 7.92 13.64
CA PHE A 140 -5.09 6.48 13.70
C PHE A 140 -3.72 6.04 14.22
N ASP A 141 -3.69 4.88 14.82
CA ASP A 141 -2.40 4.29 15.29
C ASP A 141 -1.68 3.58 14.16
N SER A 142 -0.47 3.11 14.43
CA SER A 142 0.33 2.61 13.31
C SER A 142 -0.06 1.17 12.85
N GLN A 143 -1.15 0.58 13.38
CA GLN A 143 -1.75 -0.65 12.84
C GLN A 143 -2.52 -0.42 11.56
N THR A 144 -2.79 0.85 11.26
CA THR A 144 -3.42 1.24 10.02
C THR A 144 -2.39 1.66 8.97
N ASN A 145 -2.62 1.22 7.76
CA ASN A 145 -1.87 1.77 6.65
C ASN A 145 -2.84 2.19 5.57
N VAL A 146 -2.38 3.16 4.79
CA VAL A 146 -3.18 3.82 3.79
C VAL A 146 -2.80 3.25 2.43
N SER A 147 -3.79 2.76 1.70
CA SER A 147 -3.56 2.23 0.36
C SER A 147 -3.74 3.30 -0.70
N GLN A 148 -3.10 3.01 -1.83
CA GLN A 148 -3.20 3.82 -3.01
C GLN A 148 -4.63 3.74 -3.54
N SER A 149 -5.03 4.81 -4.18
CA SER A 149 -6.32 4.91 -4.79
C SER A 149 -6.46 3.89 -5.95
N LYS A 150 -7.69 3.44 -6.15
CA LYS A 150 -8.05 2.62 -7.30
C LYS A 150 -8.71 3.45 -8.39
N ASP A 151 -8.96 4.73 -8.12
CA ASP A 151 -9.55 5.65 -9.09
C ASP A 151 -8.44 6.60 -9.53
N SER A 152 -8.14 6.64 -10.82
CA SER A 152 -7.04 7.46 -11.32
C SER A 152 -7.28 8.99 -11.23
N ASP A 153 -8.52 9.41 -10.91
CA ASP A 153 -8.79 10.81 -10.57
C ASP A 153 -8.88 11.13 -9.06
N VAL A 154 -8.52 10.16 -8.22
CA VAL A 154 -8.42 10.39 -6.78
C VAL A 154 -6.96 10.18 -6.37
N TYR A 155 -6.39 11.20 -5.72
CA TYR A 155 -4.99 11.14 -5.28
C TYR A 155 -4.92 10.90 -3.80
N ILE A 156 -4.07 9.99 -3.37
CA ILE A 156 -3.95 9.64 -1.95
C ILE A 156 -2.46 9.55 -1.61
N THR A 157 -2.05 10.28 -0.59
CA THR A 157 -0.65 10.29 -0.14
C THR A 157 -0.41 9.11 0.82
N ASP A 158 0.87 8.83 1.04
CA ASP A 158 1.30 7.92 2.11
C ASP A 158 0.98 8.50 3.49
N LYS A 159 0.84 7.68 4.52
CA LYS A 159 0.79 8.22 5.87
C LYS A 159 2.11 8.92 6.23
N CYS A 160 2.00 9.93 7.09
N CYS A 160 2.03 10.00 7.01
CA CYS A 160 3.08 10.83 7.44
CA CYS A 160 3.22 10.66 7.57
C CYS A 160 2.92 11.09 8.95
C CYS A 160 2.95 11.03 9.02
N VAL A 161 4.00 11.08 9.71
N VAL A 161 4.02 11.06 9.79
CA VAL A 161 3.84 11.37 11.15
CA VAL A 161 3.92 11.36 11.22
C VAL A 161 4.40 12.73 11.50
C VAL A 161 4.41 12.76 11.48
N LEU A 162 3.61 13.56 12.18
CA LEU A 162 4.01 14.89 12.62
C LEU A 162 4.17 14.84 14.12
N ASP A 163 5.07 15.68 14.63
CA ASP A 163 5.31 15.77 16.08
C ASP A 163 5.05 17.23 16.48
N MET A 164 3.90 17.51 17.10
CA MET A 164 3.62 18.85 17.56
C MET A 164 4.34 19.02 18.88
N ARG A 165 5.51 19.62 18.81
CA ARG A 165 6.34 19.84 19.97
C ARG A 165 5.65 20.68 21.05
N SER A 166 4.82 21.64 20.62
CA SER A 166 4.09 22.51 21.56
C SER A 166 3.30 21.76 22.65
N MET A 167 2.77 20.59 22.28
CA MET A 167 1.93 19.77 23.14
C MET A 167 2.51 18.36 23.36
N ASP A 168 3.80 18.16 23.00
CA ASP A 168 4.43 16.83 23.04
C ASP A 168 3.49 15.71 22.52
N PHE A 169 3.07 15.85 21.27
CA PHE A 169 1.94 15.09 20.74
C PHE A 169 2.24 14.70 19.31
N LYS A 170 2.19 13.41 19.00
CA LYS A 170 2.48 12.94 17.63
C LYS A 170 1.18 12.37 17.05
N SER A 171 1.05 12.49 15.71
CA SER A 171 -0.07 11.94 15.04
C SER A 171 0.24 11.59 13.59
N ASN A 172 -0.43 10.52 13.14
CA ASN A 172 -0.38 10.08 11.77
C ASN A 172 -1.43 10.78 10.94
N SER A 173 -1.14 11.03 9.66
CA SER A 173 -2.22 11.45 8.74
C SER A 173 -1.92 11.05 7.31
N ALA A 174 -2.99 11.00 6.50
CA ALA A 174 -2.85 10.96 5.04
C ALA A 174 -3.87 11.90 4.44
N VAL A 175 -3.58 12.31 3.22
CA VAL A 175 -4.40 13.26 2.49
C VAL A 175 -4.95 12.64 1.20
N ALA A 176 -6.24 12.91 0.91
CA ALA A 176 -6.84 12.55 -0.35
C ALA A 176 -7.53 13.73 -1.03
N TRP A 177 -7.47 13.80 -2.35
CA TRP A 177 -8.14 14.86 -3.06
C TRP A 177 -8.53 14.44 -4.46
N SER A 178 -9.49 15.17 -5.02
CA SER A 178 -9.96 14.93 -6.38
C SER A 178 -10.69 16.16 -6.88
N ASN A 179 -10.65 16.39 -8.18
CA ASN A 179 -11.52 17.34 -8.88
C ASN A 179 -12.94 16.80 -9.09
N LYS A 180 -13.13 15.50 -8.96
CA LYS A 180 -14.38 14.90 -9.38
C LYS A 180 -15.58 15.44 -8.60
N SER A 181 -16.59 15.81 -9.35
CA SER A 181 -17.92 16.15 -8.85
C SER A 181 -18.48 15.05 -7.95
N ASP A 182 -18.28 13.78 -8.34
CA ASP A 182 -18.66 12.61 -7.50
C ASP A 182 -17.85 12.31 -6.21
N PHE A 183 -16.82 13.09 -5.87
CA PHE A 183 -15.92 12.73 -4.77
C PHE A 183 -16.43 13.16 -3.42
N ALA A 184 -16.39 12.26 -2.44
CA ALA A 184 -16.82 12.60 -1.07
C ALA A 184 -15.86 12.01 -0.07
N CYS A 185 -15.58 12.74 1.01
CA CYS A 185 -14.64 12.27 2.02
C CYS A 185 -15.08 10.96 2.68
N ALA A 186 -16.39 10.70 2.73
CA ALA A 186 -16.89 9.41 3.18
C ALA A 186 -16.31 8.23 2.39
N ASN A 187 -16.09 8.42 1.09
CA ASN A 187 -15.58 7.37 0.21
C ASN A 187 -14.09 7.42 -0.10
N ALA A 188 -13.43 8.50 0.28
CA ALA A 188 -12.06 8.71 -0.17
C ALA A 188 -11.10 7.56 0.15
N PHE A 189 -11.22 7.02 1.36
CA PHE A 189 -10.31 5.94 1.83
C PHE A 189 -10.90 4.51 1.76
N ASN A 190 -11.91 4.32 0.92
CA ASN A 190 -12.57 2.99 0.76
C ASN A 190 -11.64 1.85 0.26
N ASN A 191 -10.50 2.18 -0.33
CA ASN A 191 -9.52 1.14 -0.66
C ASN A 191 -8.52 0.84 0.44
N SER A 192 -8.64 1.50 1.59
CA SER A 192 -7.78 1.27 2.77
C SER A 192 -8.59 0.57 3.82
N ILE A 193 -7.92 -0.21 4.63
CA ILE A 193 -8.55 -0.87 5.79
C ILE A 193 -8.41 0.15 6.92
N ILE A 194 -9.55 0.78 7.31
CA ILE A 194 -9.56 1.88 8.31
C ILE A 194 -10.13 1.36 9.65
N PRO A 195 -9.85 2.02 10.78
CA PRO A 195 -10.43 1.52 12.03
C PRO A 195 -11.96 1.54 12.02
N GLU A 196 -12.55 0.51 12.59
CA GLU A 196 -14.06 0.38 12.60
C GLU A 196 -14.71 1.60 13.27
N ASP A 197 -13.96 2.25 14.16
CA ASP A 197 -14.41 3.39 14.93
C ASP A 197 -13.92 4.73 14.42
N THR A 198 -13.57 4.80 13.14
CA THR A 198 -13.27 6.03 12.52
C THR A 198 -14.45 7.03 12.56
N PHE A 199 -14.13 8.25 13.02
CA PHE A 199 -15.09 9.35 13.09
C PHE A 199 -15.34 10.02 11.73
N PHE A 200 -16.61 10.04 11.27
CA PHE A 200 -16.97 10.72 10.01
C PHE A 200 -17.98 11.80 10.36
N PRO A 201 -17.53 13.05 10.57
CA PRO A 201 -18.49 14.10 10.96
C PRO A 201 -19.48 14.43 9.84
N SER A 202 -20.54 15.12 10.21
CA SER A 202 -21.58 15.59 9.27
C SER A 202 -21.15 16.52 8.13
N ALA B 1 33.28 24.46 4.49
CA ALA B 1 34.35 25.49 4.62
C ALA B 1 35.72 24.82 4.65
N ASP B 2 35.75 23.48 4.62
CA ASP B 2 36.79 22.79 3.98
C ASP B 2 36.29 22.50 2.57
N VAL B 3 35.30 21.61 2.39
CA VAL B 3 34.96 21.10 1.05
C VAL B 3 33.73 21.82 0.58
N THR B 4 33.82 22.48 -0.58
CA THR B 4 32.66 23.17 -1.15
C THR B 4 32.40 22.67 -2.57
N GLN B 5 31.12 22.51 -2.91
CA GLN B 5 30.78 22.12 -4.26
C GLN B 5 29.77 23.04 -4.87
N THR B 6 29.85 23.16 -6.18
CA THR B 6 28.99 24.01 -6.93
C THR B 6 28.60 23.27 -8.23
N PRO B 7 27.40 23.53 -8.75
CA PRO B 7 26.36 24.33 -8.07
C PRO B 7 25.63 23.49 -6.98
N ARG B 8 24.70 24.11 -6.29
CA ARG B 8 23.88 23.41 -5.28
C ARG B 8 22.66 22.68 -5.92
N ASN B 9 22.02 23.34 -6.89
CA ASN B 9 20.86 22.82 -7.56
C ASN B 9 21.09 23.15 -9.06
N ARG B 10 20.74 22.24 -9.93
CA ARG B 10 20.85 22.47 -11.38
C ARG B 10 19.80 21.65 -12.09
N ILE B 11 19.14 22.29 -13.03
CA ILE B 11 18.29 21.64 -13.97
C ILE B 11 18.97 21.80 -15.31
N THR B 12 19.06 20.71 -16.05
CA THR B 12 19.59 20.73 -17.43
C THR B 12 18.72 19.95 -18.39
N LYS B 13 18.98 20.11 -19.68
CA LYS B 13 18.30 19.44 -20.77
C LYS B 13 19.19 18.23 -21.13
N THR B 14 18.59 17.17 -21.64
CA THR B 14 19.37 16.06 -22.26
C THR B 14 20.30 16.54 -23.36
N GLY B 15 21.50 15.97 -23.43
CA GLY B 15 22.48 16.38 -24.40
C GLY B 15 23.45 17.46 -24.05
N LYS B 16 23.24 18.19 -22.94
CA LYS B 16 24.14 19.29 -22.59
C LYS B 16 25.34 18.74 -21.79
N ARG B 17 26.47 19.44 -21.90
CA ARG B 17 27.63 19.18 -21.08
C ARG B 17 27.47 19.93 -19.77
N ILE B 18 27.65 19.28 -18.63
CA ILE B 18 27.49 19.89 -17.29
C ILE B 18 28.75 19.66 -16.52
N MET B 19 29.21 20.66 -15.78
CA MET B 19 30.37 20.48 -14.93
C MET B 19 30.00 20.78 -13.46
N LEU B 20 30.32 19.86 -12.57
CA LEU B 20 30.20 20.04 -11.13
C LEU B 20 31.61 20.23 -10.61
N GLU B 21 31.78 21.15 -9.65
N GLU B 21 31.78 21.15 -9.65
CA GLU B 21 33.11 21.52 -9.17
CA GLU B 21 33.11 21.50 -9.17
C GLU B 21 33.20 21.24 -7.68
C GLU B 21 33.20 21.25 -7.67
N CYS B 22 34.32 20.68 -7.24
CA CYS B 22 34.59 20.43 -5.82
C CYS B 22 35.90 21.14 -5.51
N SER B 23 35.96 21.92 -4.42
CA SER B 23 37.19 22.57 -3.99
C SER B 23 37.40 22.26 -2.51
N GLN B 24 38.66 22.13 -2.11
CA GLN B 24 39.01 21.95 -0.68
C GLN B 24 40.10 22.93 -0.29
N THR B 25 40.25 23.18 1.02
CA THR B 25 41.32 24.00 1.54
C THR B 25 42.43 23.27 2.25
N LYS B 26 42.22 21.98 2.59
CA LYS B 26 43.24 21.22 3.35
C LYS B 26 44.35 20.59 2.48
N GLY B 27 44.12 20.55 1.17
CA GLY B 27 45.12 19.96 0.26
C GLY B 27 45.34 18.47 0.44
N HIS B 28 44.29 17.73 0.85
CA HIS B 28 44.37 16.25 0.91
C HIS B 28 44.64 15.67 -0.47
N ASP B 29 45.53 14.68 -0.55
CA ASP B 29 45.79 14.00 -1.81
C ASP B 29 44.50 13.40 -2.41
N ARG B 30 43.64 12.84 -1.57
CA ARG B 30 42.52 11.97 -2.05
C ARG B 30 41.22 12.74 -2.19
N MET B 31 40.66 12.75 -3.41
CA MET B 31 39.33 13.32 -3.68
C MET B 31 38.46 12.35 -4.46
N TYR B 32 37.15 12.48 -4.30
CA TYR B 32 36.17 11.45 -4.74
C TYR B 32 34.94 12.17 -5.24
N TRP B 33 34.27 11.57 -6.21
CA TRP B 33 32.93 11.91 -6.57
C TRP B 33 32.03 10.70 -6.47
N TYR B 34 30.87 10.89 -5.80
CA TYR B 34 29.90 9.88 -5.60
C TYR B 34 28.55 10.43 -6.10
N ARG B 35 27.68 9.50 -6.45
CA ARG B 35 26.24 9.82 -6.61
C ARG B 35 25.39 9.00 -5.69
N GLN B 36 24.24 9.59 -5.33
CA GLN B 36 23.32 8.95 -4.43
C GLN B 36 21.99 8.87 -5.16
N ASP B 37 21.42 7.69 -5.12
CA ASP B 37 20.08 7.42 -5.59
C ASP B 37 19.28 6.67 -4.57
N PRO B 38 17.95 6.89 -4.55
CA PRO B 38 17.16 6.18 -3.57
C PRO B 38 17.26 4.67 -3.72
N GLY B 39 17.49 3.98 -2.60
CA GLY B 39 17.59 2.55 -2.56
C GLY B 39 18.96 1.99 -2.91
N LEU B 40 19.87 2.84 -3.36
CA LEU B 40 21.16 2.37 -3.77
C LEU B 40 22.30 2.92 -3.00
N GLY B 41 22.10 3.92 -2.15
CA GLY B 41 23.22 4.44 -1.37
C GLY B 41 24.06 5.31 -2.24
N LEU B 42 25.31 5.49 -1.81
CA LEU B 42 26.28 6.28 -2.48
C LEU B 42 27.18 5.34 -3.26
N ARG B 43 27.29 5.63 -4.57
CA ARG B 43 28.08 4.85 -5.49
C ARG B 43 29.23 5.72 -6.00
N LEU B 44 30.43 5.15 -5.96
CA LEU B 44 31.62 5.94 -6.38
C LEU B 44 31.67 6.03 -7.89
N ILE B 45 31.87 7.24 -8.40
CA ILE B 45 32.01 7.49 -9.87
C ILE B 45 33.49 7.46 -10.29
N TYR B 46 34.27 8.34 -9.71
CA TYR B 46 35.72 8.45 -9.98
C TYR B 46 36.44 8.99 -8.76
N TYR B 47 37.75 8.75 -8.70
CA TYR B 47 38.52 9.27 -7.61
C TYR B 47 39.95 9.50 -8.00
N SER B 48 40.62 10.32 -7.24
CA SER B 48 41.96 10.83 -7.60
C SER B 48 42.83 10.97 -6.41
N PHE B 49 44.10 10.50 -6.53
CA PHE B 49 45.08 10.66 -5.45
C PHE B 49 46.09 11.78 -5.68
N ASP B 50 46.15 12.33 -6.88
CA ASP B 50 47.07 13.44 -7.15
C ASP B 50 46.65 14.03 -8.45
N VAL B 51 47.22 15.19 -8.74
CA VAL B 51 46.99 15.83 -10.04
C VAL B 51 47.32 14.86 -11.17
N LYS B 52 48.34 14.00 -11.03
CA LYS B 52 48.65 13.04 -12.13
C LYS B 52 47.74 11.75 -12.25
N ASP B 53 46.61 11.61 -11.52
CA ASP B 53 46.10 10.27 -11.16
C ASP B 53 44.57 10.20 -11.11
N ILE B 54 43.97 9.36 -11.95
CA ILE B 54 42.52 9.20 -11.99
C ILE B 54 42.17 7.72 -12.02
N ASN B 55 41.13 7.36 -11.27
CA ASN B 55 40.71 5.97 -11.09
C ASN B 55 39.20 5.84 -11.22
N LYS B 56 38.75 4.88 -12.01
CA LYS B 56 37.27 4.59 -12.12
C LYS B 56 36.72 3.98 -10.86
N GLY B 57 35.50 4.38 -10.51
CA GLY B 57 34.73 3.76 -9.47
C GLY B 57 33.74 2.80 -10.09
N GLU B 58 32.73 2.39 -9.34
CA GLU B 58 31.77 1.41 -9.89
C GLU B 58 30.82 1.93 -10.98
N ILE B 59 30.61 3.23 -11.10
CA ILE B 59 29.71 3.75 -12.13
C ILE B 59 30.25 4.95 -12.89
N SER B 60 31.30 4.73 -13.64
CA SER B 60 32.02 5.77 -14.35
C SER B 60 31.44 6.09 -15.77
N ASP B 61 30.69 5.17 -16.39
CA ASP B 61 30.18 5.43 -17.77
C ASP B 61 29.27 6.66 -17.83
N GLY B 62 29.47 7.51 -18.83
CA GLY B 62 28.79 8.78 -18.98
C GLY B 62 29.39 9.96 -18.23
N TYR B 63 30.45 9.70 -17.48
CA TYR B 63 31.17 10.77 -16.74
C TYR B 63 32.65 10.83 -17.13
N SER B 64 33.23 12.01 -16.92
CA SER B 64 34.71 12.18 -16.95
C SER B 64 35.07 13.09 -15.75
N VAL B 65 36.34 13.13 -15.41
CA VAL B 65 36.77 13.98 -14.33
C VAL B 65 38.09 14.59 -14.69
N SER B 66 38.45 15.64 -13.96
CA SER B 66 39.70 16.32 -14.10
C SER B 66 40.17 16.73 -12.70
N ARG B 67 41.46 16.47 -12.42
CA ARG B 67 42.09 16.92 -11.21
C ARG B 67 43.01 18.06 -11.61
N GLN B 68 42.43 19.27 -11.67
N GLN B 68 42.41 19.26 -11.64
CA GLN B 68 43.13 20.42 -12.19
CA GLN B 68 43.00 20.46 -12.13
C GLN B 68 44.11 21.05 -11.19
C GLN B 68 44.06 21.05 -11.18
N ALA B 69 44.02 20.67 -9.91
CA ALA B 69 44.85 21.22 -8.88
C ALA B 69 44.74 20.33 -7.68
N GLN B 70 45.75 20.41 -6.82
CA GLN B 70 45.65 19.72 -5.50
C GLN B 70 44.28 20.02 -4.88
N ALA B 71 43.83 21.24 -4.99
CA ALA B 71 42.62 21.68 -4.33
C ALA B 71 41.28 21.36 -5.03
N LYS B 72 41.30 20.95 -6.31
CA LYS B 72 40.07 20.96 -7.12
C LYS B 72 39.89 19.66 -7.87
N PHE B 73 38.65 19.20 -7.94
CA PHE B 73 38.32 17.95 -8.66
C PHE B 73 36.97 18.15 -9.35
N SER B 74 36.94 18.20 -10.67
CA SER B 74 35.75 18.53 -11.41
C SER B 74 35.17 17.22 -11.95
N LEU B 75 33.86 17.15 -11.98
CA LEU B 75 33.08 16.02 -12.52
C LEU B 75 32.29 16.53 -13.74
N SER B 76 32.43 15.88 -14.89
CA SER B 76 31.72 16.34 -16.11
C SER B 76 30.76 15.28 -16.59
N LEU B 77 29.53 15.67 -16.91
CA LEU B 77 28.60 14.83 -17.67
C LEU B 77 28.85 15.30 -19.10
N GLU B 78 29.44 14.47 -19.96
N GLU B 78 29.45 14.49 -19.96
CA GLU B 78 29.73 14.88 -21.35
CA GLU B 78 29.71 14.93 -21.36
C GLU B 78 28.48 15.20 -22.15
C GLU B 78 28.47 15.21 -22.16
N SER B 79 27.45 14.40 -21.95
CA SER B 79 26.21 14.53 -22.67
C SER B 79 25.13 14.01 -21.76
N ALA B 80 24.52 14.92 -21.02
CA ALA B 80 23.63 14.54 -19.89
C ALA B 80 22.42 13.73 -20.40
N ILE B 81 22.06 12.70 -19.68
CA ILE B 81 20.84 11.93 -19.93
C ILE B 81 19.99 11.84 -18.67
N PRO B 82 18.67 11.59 -18.83
CA PRO B 82 17.79 11.62 -17.67
C PRO B 82 18.15 10.70 -16.50
N ASN B 83 18.72 9.50 -16.76
CA ASN B 83 19.11 8.64 -15.66
C ASN B 83 20.40 9.09 -14.88
N GLN B 84 20.96 10.23 -15.25
CA GLN B 84 22.00 10.90 -14.43
C GLN B 84 21.42 11.88 -13.44
N THR B 85 20.08 11.97 -13.40
CA THR B 85 19.44 12.73 -12.37
C THR B 85 19.73 12.07 -11.03
N ALA B 86 20.28 12.84 -10.10
CA ALA B 86 20.74 12.28 -8.79
C ALA B 86 21.23 13.38 -7.90
N LEU B 87 21.52 13.04 -6.63
CA LEU B 87 22.21 13.88 -5.75
C LEU B 87 23.69 13.45 -5.86
N TYR B 88 24.58 14.38 -6.08
CA TYR B 88 26.03 14.12 -6.24
C TYR B 88 26.79 14.70 -5.05
N PHE B 89 27.82 13.96 -4.53
CA PHE B 89 28.61 14.37 -3.37
C PHE B 89 30.05 14.22 -3.71
N CYS B 90 30.82 15.29 -3.51
CA CYS B 90 32.26 15.14 -3.52
CA CYS B 90 32.27 15.17 -3.54
C CYS B 90 32.75 14.90 -2.12
N ALA B 91 33.97 14.32 -2.01
CA ALA B 91 34.57 14.08 -0.71
C ALA B 91 36.09 14.18 -0.80
N THR B 92 36.72 14.46 0.33
CA THR B 92 38.15 14.26 0.49
C THR B 92 38.39 13.25 1.58
N SER B 93 39.59 12.69 1.59
CA SER B 93 40.02 11.83 2.67
C SER B 93 41.47 12.12 3.01
N ASP B 94 41.78 11.97 4.31
CA ASP B 94 43.14 12.00 4.77
C ASP B 94 43.72 10.60 4.54
N GLU B 95 44.87 10.31 5.10
CA GLU B 95 45.45 8.98 4.89
C GLU B 95 44.90 7.88 5.85
N SER B 96 43.86 8.21 6.63
CA SER B 96 43.27 7.28 7.61
C SER B 96 41.77 7.22 7.53
N TYR B 97 41.22 7.33 6.33
CA TYR B 97 39.76 7.25 6.08
C TYR B 97 38.93 8.33 6.79
N GLY B 98 39.56 9.45 7.13
CA GLY B 98 38.79 10.61 7.59
C GLY B 98 38.18 11.39 6.45
N TYR B 99 36.93 11.09 6.14
CA TYR B 99 36.21 11.68 5.02
C TYR B 99 35.59 13.04 5.41
N THR B 100 35.59 13.96 4.47
CA THR B 100 34.79 15.20 4.58
C THR B 100 33.98 15.26 3.32
N PHE B 101 32.64 15.31 3.46
CA PHE B 101 31.77 15.46 2.31
C PHE B 101 31.42 16.91 2.03
N GLY B 102 31.26 17.24 0.74
CA GLY B 102 30.63 18.49 0.34
C GLY B 102 29.11 18.36 0.62
N SER B 103 28.39 19.46 0.53
CA SER B 103 26.99 19.48 0.97
C SER B 103 26.03 19.05 -0.10
N GLY B 104 26.54 18.75 -1.30
CA GLY B 104 25.78 18.05 -2.33
C GLY B 104 25.33 18.91 -3.49
N THR B 105 25.15 18.29 -4.65
CA THR B 105 24.55 18.94 -5.78
C THR B 105 23.33 18.12 -6.22
N ARG B 106 22.13 18.70 -6.21
CA ARG B 106 20.93 18.05 -6.72
C ARG B 106 20.80 18.41 -8.23
N LEU B 107 20.97 17.43 -9.10
CA LEU B 107 20.92 17.61 -10.55
C LEU B 107 19.68 16.90 -11.12
N THR B 108 18.86 17.62 -11.93
CA THR B 108 17.79 16.99 -12.68
C THR B 108 18.06 17.23 -14.14
N VAL B 109 18.10 16.15 -14.90
CA VAL B 109 18.22 16.16 -16.36
C VAL B 109 16.85 15.89 -16.95
N VAL B 110 16.28 16.85 -17.69
CA VAL B 110 14.99 16.68 -18.32
C VAL B 110 15.15 16.63 -19.82
N GLU B 111 14.34 15.79 -20.44
CA GLU B 111 14.35 15.65 -21.86
C GLU B 111 13.87 16.85 -22.61
N ASP B 112 12.77 17.44 -22.17
CA ASP B 112 12.11 18.48 -22.95
C ASP B 112 11.73 19.64 -22.00
N LEU B 113 12.42 20.77 -22.17
CA LEU B 113 12.24 21.94 -21.35
C LEU B 113 10.87 22.55 -21.52
N ASN B 114 10.18 22.28 -22.63
CA ASN B 114 8.82 22.73 -22.79
C ASN B 114 7.86 22.21 -21.72
N LYS B 115 8.23 21.11 -21.06
CA LYS B 115 7.36 20.52 -20.05
C LYS B 115 7.55 21.06 -18.66
N VAL B 116 8.56 21.92 -18.48
CA VAL B 116 8.82 22.49 -17.18
C VAL B 116 7.67 23.42 -16.80
N SER B 117 7.29 23.40 -15.52
CA SER B 117 6.10 24.05 -15.04
C SER B 117 6.17 24.30 -13.56
N PRO B 118 5.95 25.54 -13.07
CA PRO B 118 5.98 25.74 -11.64
C PRO B 118 4.74 25.19 -10.94
N PRO B 119 4.80 25.00 -9.62
CA PRO B 119 3.63 24.53 -8.91
C PRO B 119 2.55 25.57 -8.76
N GLU B 120 1.31 25.13 -8.73
CA GLU B 120 0.25 25.92 -8.15
C GLU B 120 0.19 25.43 -6.71
N VAL B 121 0.06 26.36 -5.79
CA VAL B 121 0.06 26.08 -4.33
C VAL B 121 -1.24 26.60 -3.69
N ALA B 122 -1.89 25.77 -2.84
CA ALA B 122 -3.11 26.11 -2.14
C ALA B 122 -3.04 25.65 -0.68
N VAL B 123 -3.61 26.47 0.21
CA VAL B 123 -3.71 26.08 1.61
C VAL B 123 -5.20 25.82 1.89
N PHE B 124 -5.48 24.71 2.58
CA PHE B 124 -6.81 24.31 2.97
C PHE B 124 -6.91 24.46 4.47
N GLU B 125 -7.94 25.20 4.91
CA GLU B 125 -8.09 25.56 6.32
C GLU B 125 -8.61 24.42 7.16
N PRO B 126 -8.27 24.40 8.44
CA PRO B 126 -8.74 23.31 9.33
C PRO B 126 -10.25 23.17 9.37
N SER B 127 -10.69 21.92 9.49
CA SER B 127 -12.07 21.54 9.67
C SER B 127 -12.63 22.00 11.01
N GLU B 128 -13.87 22.50 11.02
CA GLU B 128 -14.58 22.85 12.24
C GLU B 128 -14.71 21.56 13.12
N ALA B 129 -15.01 20.44 12.46
CA ALA B 129 -15.23 19.19 13.18
C ALA B 129 -13.92 18.71 13.87
N GLU B 130 -12.77 18.88 13.22
CA GLU B 130 -11.48 18.58 13.85
C GLU B 130 -11.33 19.43 15.11
N ILE B 131 -11.60 20.72 14.96
CA ILE B 131 -11.40 21.63 16.05
C ILE B 131 -12.25 21.24 17.26
N SER B 132 -13.53 20.95 17.03
CA SER B 132 -14.42 20.58 18.07
C SER B 132 -14.08 19.23 18.71
N HIS B 133 -13.67 18.28 17.88
CA HIS B 133 -13.43 16.90 18.33
C HIS B 133 -12.14 16.79 19.14
N THR B 134 -11.09 17.53 18.72
CA THR B 134 -9.72 17.36 19.22
C THR B 134 -9.06 18.55 19.89
N GLN B 135 -9.62 19.74 19.73
CA GLN B 135 -8.95 21.02 20.10
C GLN B 135 -7.58 21.21 19.43
N LYS B 136 -7.42 20.61 18.24
CA LYS B 136 -6.28 20.87 17.40
C LYS B 136 -6.82 21.21 16.01
N ALA B 137 -5.94 21.68 15.18
CA ALA B 137 -6.28 22.23 13.87
C ALA B 137 -5.15 21.97 12.89
N THR B 138 -5.46 21.20 11.83
CA THR B 138 -4.51 20.82 10.82
C THR B 138 -4.78 21.61 9.52
N LEU B 139 -3.79 22.38 9.12
CA LEU B 139 -3.77 23.01 7.78
C LEU B 139 -3.16 22.04 6.82
N VAL B 140 -3.64 22.02 5.55
CA VAL B 140 -3.01 21.21 4.51
C VAL B 140 -2.59 22.13 3.35
N CYS B 141 -1.34 21.95 2.92
CA CYS B 141 -0.82 22.62 1.73
C CYS B 141 -0.78 21.60 0.62
N LEU B 142 -1.23 21.97 -0.57
CA LEU B 142 -1.10 21.12 -1.78
C LEU B 142 -0.35 21.89 -2.85
N ALA B 143 0.76 21.33 -3.36
CA ALA B 143 1.45 21.88 -4.48
C ALA B 143 1.21 20.98 -5.67
N THR B 144 0.73 21.49 -6.81
CA THR B 144 0.32 20.62 -7.89
C THR B 144 0.78 21.19 -9.22
N GLY B 145 0.81 20.29 -10.20
CA GLY B 145 1.06 20.62 -11.61
C GLY B 145 2.49 21.00 -11.91
N PHE B 146 3.44 20.53 -11.11
CA PHE B 146 4.85 20.98 -11.29
C PHE B 146 5.69 19.90 -11.97
N TYR B 147 6.72 20.39 -12.71
CA TYR B 147 7.66 19.54 -13.38
C TYR B 147 8.95 20.34 -13.57
N PRO B 148 10.12 19.74 -13.31
CA PRO B 148 10.35 18.40 -12.83
C PRO B 148 10.12 18.28 -11.35
N ASP B 149 10.45 17.11 -10.81
CA ASP B 149 10.30 16.86 -9.36
C ASP B 149 11.56 17.42 -8.68
N HIS B 150 11.55 18.71 -8.45
CA HIS B 150 12.73 19.42 -7.89
C HIS B 150 12.22 20.66 -7.13
N VAL B 151 11.72 20.42 -5.94
CA VAL B 151 11.15 21.46 -5.10
C VAL B 151 11.56 21.31 -3.65
N GLU B 152 11.35 22.38 -2.88
CA GLU B 152 11.46 22.35 -1.42
C GLU B 152 10.28 23.04 -0.81
N LEU B 153 9.57 22.39 0.13
CA LEU B 153 8.39 22.97 0.72
C LEU B 153 8.70 23.29 2.15
N SER B 154 8.26 24.45 2.61
CA SER B 154 8.47 24.87 3.99
C SER B 154 7.28 25.65 4.49
N TRP B 155 7.12 25.70 5.82
CA TRP B 155 6.02 26.44 6.47
C TRP B 155 6.57 27.64 7.24
N TRP B 156 5.83 28.74 7.21
CA TRP B 156 6.21 30.03 7.82
C TRP B 156 5.03 30.52 8.67
N VAL B 157 5.25 30.69 9.98
CA VAL B 157 4.23 31.21 10.88
C VAL B 157 4.72 32.56 11.43
N ASN B 158 3.88 33.59 11.25
CA ASN B 158 4.19 34.97 11.56
C ASN B 158 5.60 35.35 11.09
N GLY B 159 5.91 34.97 9.86
CA GLY B 159 7.20 35.27 9.26
C GLY B 159 8.44 34.49 9.66
N LYS B 160 8.29 33.41 10.43
CA LYS B 160 9.44 32.60 10.85
C LYS B 160 9.21 31.17 10.38
N GLU B 161 10.25 30.51 9.89
CA GLU B 161 10.12 29.14 9.39
C GLU B 161 9.85 28.23 10.61
N VAL B 162 8.88 27.32 10.45
CA VAL B 162 8.59 26.32 11.49
C VAL B 162 8.83 24.91 11.00
N HIS B 163 9.29 24.06 11.90
CA HIS B 163 9.47 22.62 11.64
C HIS B 163 8.55 21.76 12.54
N SER B 164 8.29 22.20 13.77
CA SER B 164 7.37 21.52 14.67
C SER B 164 5.94 21.44 14.11
N GLY B 165 5.31 20.29 14.27
CA GLY B 165 3.92 20.10 13.87
C GLY B 165 3.78 19.93 12.37
N VAL B 166 4.88 19.69 11.68
CA VAL B 166 4.88 19.55 10.22
C VAL B 166 5.18 18.13 9.77
N CYS B 167 4.47 17.71 8.73
N CYS B 167 4.45 17.67 8.75
CA CYS B 167 4.87 16.55 7.96
CA CYS B 167 4.98 16.57 7.94
C CYS B 167 4.62 16.77 6.48
C CYS B 167 4.63 16.76 6.48
N THR B 168 5.65 16.58 5.68
CA THR B 168 5.57 16.74 4.23
C THR B 168 5.80 15.38 3.64
N ASP B 169 5.05 15.03 2.58
CA ASP B 169 5.24 13.75 1.91
C ASP B 169 6.74 13.61 1.49
N PRO B 170 7.32 12.43 1.65
CA PRO B 170 8.77 12.36 1.33
C PRO B 170 9.05 12.38 -0.19
N GLN B 171 8.06 11.97 -0.99
CA GLN B 171 8.16 12.06 -2.45
C GLN B 171 6.84 12.58 -3.02
N PRO B 172 6.93 13.43 -4.06
CA PRO B 172 5.68 13.79 -4.73
C PRO B 172 5.09 12.63 -5.46
N LEU B 173 3.78 12.67 -5.73
CA LEU B 173 3.16 11.68 -6.60
C LEU B 173 3.00 12.22 -8.05
N LYS B 174 2.89 11.28 -9.01
CA LYS B 174 2.67 11.61 -10.39
C LYS B 174 1.16 11.83 -10.60
N GLU B 175 0.81 12.99 -11.19
CA GLU B 175 -0.60 13.28 -11.53
C GLU B 175 -1.15 12.33 -12.59
N GLN B 176 -0.27 11.85 -13.46
CA GLN B 176 -0.64 11.00 -14.58
C GLN B 176 0.42 9.93 -14.67
N PRO B 177 0.34 8.92 -13.82
CA PRO B 177 1.42 7.90 -13.69
C PRO B 177 1.81 7.17 -15.00
N ALA B 178 0.88 7.03 -15.94
CA ALA B 178 1.17 6.42 -17.26
C ALA B 178 2.11 7.22 -18.16
N LEU B 179 2.37 8.50 -17.81
CA LEU B 179 3.15 9.37 -18.64
C LEU B 179 4.56 9.54 -18.09
N ASN B 180 5.52 9.45 -19.02
CA ASN B 180 6.92 9.58 -18.72
C ASN B 180 7.25 10.99 -18.23
N ASP B 181 6.49 11.98 -18.69
CA ASP B 181 6.73 13.37 -18.30
C ASP B 181 5.54 13.94 -17.51
N SER B 182 4.88 13.07 -16.75
CA SER B 182 3.85 13.49 -15.83
C SER B 182 4.30 14.64 -14.93
N ARG B 183 3.37 15.57 -14.67
CA ARG B 183 3.51 16.53 -13.65
C ARG B 183 3.35 15.83 -12.27
N TYR B 184 3.78 16.55 -11.26
CA TYR B 184 3.80 16.10 -9.86
C TYR B 184 2.95 16.89 -8.93
N SER B 185 2.66 16.26 -7.77
N SER B 185 2.65 16.25 -7.78
CA SER B 185 1.91 16.87 -6.72
CA SER B 185 1.91 16.87 -6.72
C SER B 185 2.50 16.47 -5.37
C SER B 185 2.50 16.48 -5.38
N LEU B 186 2.42 17.39 -4.42
CA LEU B 186 3.00 17.19 -3.10
C LEU B 186 2.09 17.76 -2.07
N SER B 187 1.95 17.06 -0.93
CA SER B 187 1.16 17.64 0.14
C SER B 187 1.95 17.75 1.44
N SER B 188 1.48 18.65 2.28
CA SER B 188 2.05 18.85 3.64
C SER B 188 1.03 19.27 4.64
N ARG B 189 1.25 18.91 5.91
CA ARG B 189 0.35 19.26 6.98
C ARG B 189 1.13 20.09 7.98
N LEU B 190 0.44 21.07 8.56
CA LEU B 190 0.93 21.79 9.73
C LEU B 190 -0.18 21.75 10.75
N ARG B 191 0.10 21.20 11.92
CA ARG B 191 -0.93 21.11 12.94
C ARG B 191 -0.56 22.00 14.13
N VAL B 192 -1.52 22.76 14.61
CA VAL B 192 -1.35 23.69 15.76
C VAL B 192 -2.53 23.49 16.72
N SER B 193 -2.44 24.11 17.92
CA SER B 193 -3.60 24.06 18.78
C SER B 193 -4.74 24.84 18.17
N ALA B 194 -5.97 24.44 18.51
CA ALA B 194 -7.14 25.17 18.03
C ALA B 194 -7.10 26.65 18.48
N THR B 195 -6.68 26.88 19.72
CA THR B 195 -6.45 28.26 20.24
C THR B 195 -5.58 29.13 19.34
N PHE B 196 -4.48 28.57 18.85
CA PHE B 196 -3.55 29.28 18.00
C PHE B 196 -4.15 29.56 16.60
N TRP B 197 -4.85 28.59 16.03
CA TRP B 197 -5.57 28.78 14.74
C TRP B 197 -6.69 29.85 14.88
N GLN B 198 -7.32 29.90 16.05
CA GLN B 198 -8.49 30.75 16.27
C GLN B 198 -8.11 32.23 16.53
N ASN B 199 -6.81 32.53 16.62
CA ASN B 199 -6.35 33.88 16.79
C ASN B 199 -6.22 34.50 15.39
N PRO B 200 -7.08 35.50 15.06
CA PRO B 200 -7.00 36.10 13.68
C PRO B 200 -5.72 36.89 13.34
N ARG B 201 -4.87 37.15 14.32
CA ARG B 201 -3.58 37.80 14.12
C ARG B 201 -2.54 36.80 13.62
N ASN B 202 -2.77 35.52 13.76
CA ASN B 202 -1.79 34.53 13.31
C ASN B 202 -1.84 34.30 11.79
N HIS B 203 -0.65 34.31 11.17
CA HIS B 203 -0.50 34.18 9.70
C HIS B 203 0.29 32.92 9.35
N PHE B 204 -0.28 32.09 8.47
CA PHE B 204 0.30 30.79 8.12
C PHE B 204 0.60 30.81 6.61
N ARG B 205 1.84 30.47 6.24
CA ARG B 205 2.19 30.42 4.82
C ARG B 205 2.92 29.16 4.49
N CYS B 206 2.48 28.48 3.42
CA CYS B 206 3.18 27.38 2.83
CA CYS B 206 3.28 27.41 2.90
C CYS B 206 4.00 27.91 1.66
N GLN B 207 5.29 27.60 1.62
CA GLN B 207 6.18 28.12 0.61
C GLN B 207 6.73 26.91 -0.17
N VAL B 208 6.70 27.01 -1.52
CA VAL B 208 7.38 26.03 -2.35
C VAL B 208 8.45 26.72 -3.15
N GLN B 209 9.71 26.39 -2.89
CA GLN B 209 10.78 26.81 -3.78
C GLN B 209 10.81 25.82 -4.93
N PHE B 210 10.63 26.31 -6.14
CA PHE B 210 10.68 25.52 -7.39
C PHE B 210 11.97 25.80 -8.15
N TYR B 211 12.61 24.73 -8.70
CA TYR B 211 13.79 24.92 -9.51
C TYR B 211 13.43 24.61 -10.94
N GLY B 212 13.67 25.56 -11.84
CA GLY B 212 13.22 25.49 -13.21
C GLY B 212 14.23 26.02 -14.18
N LEU B 213 13.76 26.82 -15.14
CA LEU B 213 14.60 27.43 -16.14
C LEU B 213 15.40 28.60 -15.58
N SER B 214 16.48 28.94 -16.21
CA SER B 214 17.21 30.15 -15.81
C SER B 214 16.92 31.28 -16.78
N GLU B 215 17.48 32.47 -16.52
CA GLU B 215 17.20 33.62 -17.38
C GLU B 215 17.76 33.41 -18.77
N ASN B 216 18.86 32.66 -18.87
CA ASN B 216 19.51 32.32 -20.14
C ASN B 216 18.68 31.48 -21.08
N ASP B 217 17.69 30.76 -20.56
CA ASP B 217 16.99 29.75 -21.36
C ASP B 217 16.04 30.44 -22.33
N GLU B 218 15.99 29.94 -23.56
CA GLU B 218 14.96 30.35 -24.54
C GLU B 218 13.57 29.91 -24.06
N TRP B 219 12.55 30.69 -24.39
CA TRP B 219 11.15 30.31 -24.09
C TRP B 219 10.24 30.81 -25.18
N THR B 220 9.55 29.86 -25.82
CA THR B 220 8.74 30.15 -27.02
C THR B 220 7.23 30.03 -26.77
N GLN B 221 6.81 29.59 -25.59
CA GLN B 221 5.37 29.49 -25.31
C GLN B 221 4.76 30.81 -24.82
N ASP B 222 3.44 30.94 -24.95
CA ASP B 222 2.67 32.08 -24.41
C ASP B 222 2.64 32.06 -22.92
N ARG B 223 2.54 30.87 -22.32
CA ARG B 223 2.43 30.76 -20.90
C ARG B 223 3.70 31.28 -20.26
N ALA B 224 3.58 31.62 -18.98
CA ALA B 224 4.71 32.12 -18.20
C ALA B 224 5.98 31.28 -18.38
N LYS B 225 7.12 31.92 -18.57
CA LYS B 225 8.41 31.17 -18.58
C LYS B 225 8.60 30.53 -17.20
N PRO B 226 8.85 29.17 -17.15
CA PRO B 226 8.85 28.46 -15.88
C PRO B 226 10.22 28.51 -15.17
N VAL B 227 10.61 29.71 -14.74
CA VAL B 227 11.89 29.91 -14.13
C VAL B 227 11.82 29.43 -12.67
N THR B 228 12.98 29.14 -12.11
CA THR B 228 13.17 28.96 -10.69
C THR B 228 12.53 30.14 -9.95
N GLN B 229 11.76 29.83 -8.93
CA GLN B 229 10.89 30.79 -8.28
C GLN B 229 10.27 30.22 -7.03
N ILE B 230 9.75 31.11 -6.18
CA ILE B 230 8.99 30.71 -5.04
C ILE B 230 7.48 30.96 -5.28
N VAL B 231 6.68 29.96 -5.01
CA VAL B 231 5.21 30.05 -5.04
C VAL B 231 4.72 29.75 -3.64
N SER B 232 3.93 30.66 -3.04
CA SER B 232 3.36 30.42 -1.72
C SER B 232 1.83 30.41 -1.77
N ALA B 233 1.23 30.00 -0.64
CA ALA B 233 -0.19 30.22 -0.37
C ALA B 233 -0.31 30.43 1.14
N GLU B 234 -1.34 31.14 1.56
CA GLU B 234 -1.42 31.60 2.94
C GLU B 234 -2.85 31.56 3.48
N ALA B 235 -2.94 31.63 4.81
CA ALA B 235 -4.20 31.73 5.50
C ALA B 235 -3.94 32.51 6.78
N TRP B 236 -4.95 33.24 7.25
CA TRP B 236 -4.90 33.89 8.58
C TRP B 236 -5.76 33.06 9.48
N GLY B 237 -5.45 33.03 10.77
CA GLY B 237 -6.37 32.40 11.73
C GLY B 237 -7.77 33.00 11.73
N ARG B 238 -8.73 32.29 12.31
CA ARG B 238 -10.08 32.82 12.40
C ARG B 238 -10.88 32.23 13.52
N ALA B 239 -11.64 33.08 14.22
CA ALA B 239 -12.54 32.64 15.30
C ALA B 239 -13.98 32.44 14.82
N ASP B 240 -14.14 32.03 13.56
CA ASP B 240 -15.36 32.18 12.73
C ASP B 240 -16.17 33.51 12.74
N ALA C 1 -38.67 3.83 3.42
CA ALA C 1 -37.25 4.23 3.19
C ALA C 1 -36.96 5.15 1.97
N GLN C 2 -35.74 5.64 2.00
CA GLN C 2 -35.12 6.50 1.00
C GLN C 2 -33.69 5.91 0.73
N SER C 3 -32.83 5.74 1.77
CA SER C 3 -31.53 5.04 1.63
C SER C 3 -30.94 4.46 2.94
N VAL C 4 -29.79 3.82 2.80
CA VAL C 4 -29.10 3.26 3.92
C VAL C 4 -27.61 3.43 3.66
N THR C 5 -26.88 3.78 4.71
CA THR C 5 -25.48 4.23 4.55
C THR C 5 -24.60 3.47 5.49
N GLN C 6 -23.51 2.87 4.99
CA GLN C 6 -22.58 2.19 5.77
C GLN C 6 -21.28 2.91 5.46
N LEU C 7 -20.56 3.30 6.47
CA LEU C 7 -19.28 3.95 6.21
C LEU C 7 -18.08 3.07 6.41
N GLY C 8 -17.21 3.13 5.40
CA GLY C 8 -16.00 2.35 5.28
C GLY C 8 -16.22 1.03 4.54
N SER C 9 -15.71 0.90 3.35
CA SER C 9 -15.74 -0.38 2.65
C SER C 9 -14.97 -1.50 3.38
N HIS C 10 -13.86 -1.16 4.03
CA HIS C 10 -12.99 -2.09 4.72
C HIS C 10 -12.67 -1.48 6.09
N VAL C 11 -12.94 -2.20 7.16
CA VAL C 11 -12.69 -1.78 8.50
C VAL C 11 -11.95 -2.86 9.32
N SER C 12 -11.16 -2.42 10.31
CA SER C 12 -10.35 -3.29 11.12
C SER C 12 -10.84 -3.24 12.58
N VAL C 13 -10.59 -4.34 13.26
CA VAL C 13 -10.81 -4.45 14.71
C VAL C 13 -9.70 -5.38 15.24
N SER C 14 -9.25 -5.08 16.46
CA SER C 14 -8.23 -5.89 17.10
C SER C 14 -8.93 -7.16 17.62
N GLU C 15 -8.27 -8.30 17.48
CA GLU C 15 -8.79 -9.55 18.01
C GLU C 15 -9.14 -9.35 19.51
N GLY C 16 -10.37 -9.71 19.91
CA GLY C 16 -10.76 -9.59 21.34
C GLY C 16 -11.49 -8.25 21.68
N ALA C 17 -11.39 -7.25 20.79
CA ALA C 17 -12.01 -5.95 21.05
C ALA C 17 -13.48 -5.90 20.62
N LEU C 18 -14.18 -4.88 21.11
CA LEU C 18 -15.57 -4.64 20.71
C LEU C 18 -15.70 -4.51 19.17
N VAL C 19 -16.68 -5.20 18.55
CA VAL C 19 -17.02 -5.04 17.13
C VAL C 19 -18.16 -4.01 17.05
N LEU C 20 -18.00 -3.06 16.14
CA LEU C 20 -18.97 -2.02 15.91
C LEU C 20 -19.02 -1.75 14.41
N LEU C 21 -20.11 -2.05 13.75
CA LEU C 21 -20.24 -1.70 12.34
C LEU C 21 -21.43 -0.76 12.19
N ARG C 22 -21.22 0.38 11.57
CA ARG C 22 -22.18 1.48 11.59
C ARG C 22 -23.18 1.44 10.45
N CYS C 23 -24.46 1.71 10.75
CA CYS C 23 -25.46 1.90 9.76
C CYS C 23 -26.40 3.03 10.11
N ASN C 24 -26.69 3.87 9.13
CA ASN C 24 -27.68 4.93 9.28
C ASN C 24 -28.62 4.88 8.11
N TYR C 25 -29.85 5.34 8.34
CA TYR C 25 -30.85 5.34 7.29
C TYR C 25 -31.41 6.76 7.11
N SER C 26 -31.99 6.98 5.96
CA SER C 26 -32.59 8.28 5.67
C SER C 26 -34.11 8.36 5.51
N SER C 27 -34.82 7.27 5.71
CA SER C 27 -36.34 7.34 5.84
C SER C 27 -36.98 8.28 6.90
N SER C 28 -38.01 9.05 6.52
CA SER C 28 -38.68 9.86 7.52
C SER C 28 -39.41 8.95 8.57
N VAL C 29 -40.30 8.05 8.12
CA VAL C 29 -40.92 7.08 9.06
C VAL C 29 -39.97 5.92 9.39
N PRO C 30 -39.90 5.46 10.65
CA PRO C 30 -38.99 4.37 10.95
C PRO C 30 -39.22 3.16 10.04
N PRO C 31 -38.14 2.62 9.47
CA PRO C 31 -38.29 1.49 8.60
C PRO C 31 -38.06 0.21 9.34
N TYR C 32 -38.25 -0.93 8.67
CA TYR C 32 -37.60 -2.15 9.14
C TYR C 32 -36.14 -2.12 8.68
N LEU C 33 -35.26 -2.70 9.49
CA LEU C 33 -33.82 -2.67 9.24
C LEU C 33 -33.28 -4.08 9.44
N PHE C 34 -32.23 -4.43 8.68
CA PHE C 34 -31.73 -5.83 8.61
C PHE C 34 -30.21 -5.79 8.59
N TRP C 35 -29.58 -6.77 9.24
CA TRP C 35 -28.11 -6.97 9.07
C TRP C 35 -27.93 -8.39 8.53
N TYR C 36 -27.25 -8.47 7.37
CA TYR C 36 -26.87 -9.67 6.73
C TYR C 36 -25.34 -9.81 6.81
N VAL C 37 -24.91 -11.03 6.89
CA VAL C 37 -23.47 -11.41 6.78
C VAL C 37 -23.27 -12.34 5.57
N GLN C 38 -22.08 -12.25 4.94
CA GLN C 38 -21.70 -13.04 3.82
C GLN C 38 -20.21 -13.45 3.96
N TYR C 39 -19.97 -14.74 4.05
CA TYR C 39 -18.60 -15.30 3.94
C TYR C 39 -18.17 -15.46 2.51
N PRO C 40 -16.84 -15.53 2.27
CA PRO C 40 -16.39 -15.61 0.87
C PRO C 40 -16.92 -16.83 0.08
N ASN C 41 -17.37 -16.55 -1.13
CA ASN C 41 -18.00 -17.52 -2.03
C ASN C 41 -19.29 -18.17 -1.50
N GLN C 42 -19.88 -17.58 -0.43
N GLN C 42 -19.91 -17.60 -0.45
CA GLN C 42 -21.15 -18.06 0.15
CA GLN C 42 -21.18 -18.10 0.08
C GLN C 42 -22.23 -17.00 -0.06
C GLN C 42 -22.24 -17.02 -0.07
N GLY C 43 -23.48 -17.35 0.29
CA GLY C 43 -24.61 -16.45 0.13
C GLY C 43 -24.83 -15.58 1.34
N LEU C 44 -25.97 -14.89 1.36
CA LEU C 44 -26.32 -13.98 2.44
C LEU C 44 -27.08 -14.68 3.55
N GLN C 45 -26.72 -14.39 4.79
CA GLN C 45 -27.37 -14.95 5.96
C GLN C 45 -27.84 -13.83 6.87
N LEU C 46 -29.14 -13.85 7.25
CA LEU C 46 -29.62 -12.82 8.13
C LEU C 46 -29.08 -12.99 9.57
N LEU C 47 -28.56 -11.93 10.16
CA LEU C 47 -28.05 -11.91 11.54
C LEU C 47 -29.12 -11.47 12.50
N LEU C 48 -29.77 -10.37 12.18
CA LEU C 48 -30.81 -9.83 13.02
C LEU C 48 -31.59 -8.79 12.27
N LYS C 49 -32.75 -8.43 12.80
CA LYS C 49 -33.56 -7.39 12.16
C LYS C 49 -34.41 -6.65 13.21
N TYR C 50 -34.66 -5.38 12.91
CA TYR C 50 -35.61 -4.54 13.62
C TYR C 50 -36.94 -4.53 12.86
N THR C 51 -37.98 -4.97 13.53
CA THR C 51 -39.30 -5.10 12.92
C THR C 51 -40.35 -4.42 13.77
N SER C 52 -39.96 -3.25 14.35
CA SER C 52 -40.77 -2.38 15.23
C SER C 52 -41.25 -3.06 16.53
N ALA C 53 -40.46 -3.99 17.03
CA ALA C 53 -40.83 -4.63 18.30
C ALA C 53 -39.84 -4.08 19.34
N ALA C 54 -38.98 -4.92 19.89
CA ALA C 54 -37.95 -4.47 20.74
C ALA C 54 -36.95 -3.57 19.94
N THR C 55 -36.52 -2.49 20.57
N THR C 55 -36.50 -2.48 20.56
CA THR C 55 -35.50 -1.60 20.03
CA THR C 55 -35.46 -1.63 19.96
C THR C 55 -34.07 -2.20 20.12
C THR C 55 -34.06 -2.27 20.08
N LEU C 56 -33.81 -2.98 21.17
CA LEU C 56 -32.56 -3.75 21.30
C LEU C 56 -32.86 -5.15 20.75
N VAL C 57 -32.24 -5.47 19.61
CA VAL C 57 -32.47 -6.68 18.88
C VAL C 57 -31.25 -7.57 18.99
N LYS C 58 -31.49 -8.85 19.24
CA LYS C 58 -30.40 -9.79 19.43
C LYS C 58 -30.35 -10.75 18.29
N GLY C 59 -29.16 -11.15 17.93
CA GLY C 59 -29.00 -12.10 16.88
C GLY C 59 -28.19 -13.27 17.35
N ILE C 60 -27.77 -14.04 16.37
CA ILE C 60 -26.98 -15.23 16.63
C ILE C 60 -25.58 -14.78 17.04
N ASN C 61 -24.89 -15.60 17.82
CA ASN C 61 -23.46 -15.40 18.19
C ASN C 61 -23.10 -14.19 19.09
N GLY C 62 -24.04 -13.57 19.77
CA GLY C 62 -23.72 -12.40 20.58
C GLY C 62 -23.78 -11.10 19.79
N PHE C 63 -24.15 -11.17 18.52
CA PHE C 63 -24.48 -9.99 17.76
C PHE C 63 -25.72 -9.34 18.33
N GLU C 64 -25.67 -8.03 18.46
CA GLU C 64 -26.87 -7.24 18.73
C GLU C 64 -26.85 -5.87 18.01
N ALA C 65 -28.00 -5.24 17.92
CA ALA C 65 -28.09 -3.90 17.39
C ALA C 65 -29.22 -3.13 18.05
N GLU C 66 -28.97 -1.86 18.40
CA GLU C 66 -29.99 -0.96 18.96
C GLU C 66 -30.52 0.03 17.92
N PHE C 67 -31.84 -0.01 17.70
CA PHE C 67 -32.50 0.95 16.81
C PHE C 67 -32.64 2.25 17.57
N LYS C 68 -32.07 3.34 17.02
CA LYS C 68 -32.11 4.67 17.66
C LYS C 68 -32.69 5.67 16.66
N LYS C 69 -33.99 5.93 16.75
CA LYS C 69 -34.69 6.84 15.85
C LYS C 69 -34.06 8.25 15.80
N SER C 70 -33.73 8.81 16.96
CA SER C 70 -33.25 10.19 17.02
C SER C 70 -31.86 10.36 16.42
N GLU C 71 -31.10 9.30 16.23
CA GLU C 71 -29.85 9.42 15.46
C GLU C 71 -29.90 8.61 14.16
N THR C 72 -31.12 8.27 13.73
CA THR C 72 -31.42 7.35 12.58
C THR C 72 -30.34 6.27 12.36
N SER C 73 -30.06 5.52 13.41
CA SER C 73 -28.99 4.54 13.40
C SER C 73 -29.44 3.15 13.83
N PHE C 74 -28.67 2.16 13.42
CA PHE C 74 -28.89 0.74 13.72
C PHE C 74 -27.57 0.07 13.66
N HIS C 75 -26.67 0.43 14.61
CA HIS C 75 -25.28 -0.06 14.54
C HIS C 75 -25.21 -1.50 15.06
N LEU C 76 -24.49 -2.38 14.34
CA LEU C 76 -24.32 -3.78 14.72
C LEU C 76 -23.16 -3.90 15.67
N THR C 77 -23.35 -4.63 16.79
CA THR C 77 -22.20 -4.81 17.71
C THR C 77 -22.08 -6.25 18.11
N LYS C 78 -20.87 -6.64 18.47
CA LYS C 78 -20.61 -7.92 19.12
C LYS C 78 -19.50 -7.69 20.18
N PRO C 79 -19.60 -8.36 21.35
CA PRO C 79 -18.76 -7.94 22.45
C PRO C 79 -17.25 -8.09 22.21
N SER C 80 -16.87 -9.13 21.47
CA SER C 80 -15.49 -9.48 21.28
C SER C 80 -15.22 -9.99 19.83
N ALA C 81 -14.22 -9.46 19.16
CA ALA C 81 -13.91 -9.85 17.78
C ALA C 81 -13.12 -11.16 17.74
N HIS C 82 -13.65 -12.17 17.03
CA HIS C 82 -12.98 -13.42 16.83
C HIS C 82 -12.51 -13.47 15.35
N MET C 83 -11.52 -14.29 15.04
CA MET C 83 -11.07 -14.44 13.65
C MET C 83 -12.19 -14.89 12.71
N SER C 84 -13.08 -15.74 13.22
CA SER C 84 -14.23 -16.25 12.47
C SER C 84 -15.24 -15.18 12.13
N ASP C 85 -15.12 -13.97 12.69
CA ASP C 85 -16.01 -12.87 12.36
C ASP C 85 -15.63 -12.17 11.02
N ALA C 86 -14.52 -12.57 10.41
CA ALA C 86 -14.05 -11.98 9.13
C ALA C 86 -15.03 -12.31 8.06
N ALA C 87 -15.73 -11.28 7.55
CA ALA C 87 -16.76 -11.43 6.58
C ALA C 87 -17.18 -10.06 6.06
N GLU C 88 -18.15 -10.04 5.14
CA GLU C 88 -18.74 -8.78 4.71
C GLU C 88 -20.14 -8.69 5.31
N TYR C 89 -20.44 -7.51 5.85
CA TYR C 89 -21.67 -7.22 6.50
C TYR C 89 -22.47 -6.18 5.77
N PHE C 90 -23.77 -6.40 5.61
CA PHE C 90 -24.61 -5.48 4.89
C PHE C 90 -25.78 -5.09 5.73
N CYS C 91 -26.01 -3.79 5.84
CA CYS C 91 -27.22 -3.26 6.47
C CYS C 91 -28.22 -3.04 5.39
N ALA C 92 -29.50 -3.22 5.69
CA ALA C 92 -30.52 -3.04 4.65
C ALA C 92 -31.77 -2.50 5.29
N VAL C 93 -32.61 -1.92 4.45
CA VAL C 93 -33.82 -1.26 4.92
C VAL C 93 -35.05 -1.59 4.07
N SER C 94 -36.23 -1.58 4.67
CA SER C 94 -37.46 -1.62 3.89
C SER C 94 -37.62 -0.36 3.06
N GLU C 95 -38.19 -0.53 1.87
N GLU C 95 -38.27 -0.51 1.91
CA GLU C 95 -38.46 0.58 0.95
CA GLU C 95 -38.52 0.62 1.03
C GLU C 95 -39.77 0.43 0.19
C GLU C 95 -39.78 0.44 0.21
N GLN C 96 -40.50 1.56 0.09
CA GLN C 96 -41.68 1.64 -0.75
C GLN C 96 -42.69 0.54 -0.50
N ASP C 97 -42.72 0.00 0.74
CA ASP C 97 -43.69 -1.05 1.13
C ASP C 97 -43.62 -2.29 0.22
N ASP C 98 -42.48 -2.54 -0.43
CA ASP C 98 -42.44 -3.64 -1.38
C ASP C 98 -41.09 -4.30 -1.60
N LYS C 99 -40.08 -3.96 -0.83
CA LYS C 99 -38.72 -4.43 -1.10
C LYS C 99 -37.76 -4.07 -0.03
N ILE C 100 -36.62 -4.75 -0.04
CA ILE C 100 -35.48 -4.41 0.76
C ILE C 100 -34.38 -3.83 -0.16
N ILE C 101 -33.85 -2.68 0.27
CA ILE C 101 -32.69 -2.05 -0.31
C ILE C 101 -31.48 -2.20 0.58
N PHE C 102 -30.38 -2.55 -0.07
CA PHE C 102 -29.14 -2.86 0.61
C PHE C 102 -28.12 -1.73 0.63
N GLY C 103 -27.39 -1.67 1.73
CA GLY C 103 -26.19 -0.83 1.86
C GLY C 103 -25.06 -1.40 0.99
N LYS C 104 -24.00 -0.62 0.89
CA LYS C 104 -22.85 -1.00 0.05
C LYS C 104 -21.97 -2.04 0.63
N GLY C 105 -22.11 -2.32 1.94
CA GLY C 105 -21.35 -3.33 2.61
C GLY C 105 -20.05 -2.87 3.25
N THR C 106 -19.72 -3.48 4.38
CA THR C 106 -18.42 -3.27 5.02
C THR C 106 -17.76 -4.61 5.27
N ARG C 107 -16.50 -4.77 4.84
CA ARG C 107 -15.72 -5.97 5.15
C ARG C 107 -14.92 -5.78 6.44
N LEU C 108 -15.14 -6.67 7.39
CA LEU C 108 -14.52 -6.69 8.65
C LEU C 108 -13.24 -7.56 8.65
N HIS C 109 -12.13 -6.89 8.97
CA HIS C 109 -10.79 -7.47 9.05
C HIS C 109 -10.39 -7.57 10.53
N ILE C 110 -10.01 -8.75 11.00
CA ILE C 110 -9.70 -8.92 12.40
C ILE C 110 -8.17 -9.02 12.50
N LEU C 111 -7.57 -8.14 13.30
CA LEU C 111 -6.10 -8.14 13.46
C LEU C 111 -5.70 -9.09 14.54
N PRO C 112 -5.04 -10.21 14.20
CA PRO C 112 -4.66 -11.16 15.25
C PRO C 112 -3.64 -10.59 16.26
N ASN C 113 -3.81 -11.02 17.50
CA ASN C 113 -2.91 -10.62 18.55
C ASN C 113 -1.70 -11.53 18.41
N ILE C 114 -0.60 -11.01 17.88
CA ILE C 114 0.62 -11.82 17.69
C ILE C 114 1.54 -11.52 18.89
N GLN C 115 1.49 -12.40 19.86
CA GLN C 115 2.17 -12.18 21.16
C GLN C 115 3.70 -12.31 21.04
N ASN C 116 4.17 -13.25 20.20
CA ASN C 116 5.62 -13.55 20.05
C ASN C 116 6.05 -13.41 18.59
N PRO C 117 6.13 -12.17 18.08
CA PRO C 117 6.43 -12.06 16.66
C PRO C 117 7.87 -12.56 16.39
N ASP C 118 8.12 -12.98 15.16
CA ASP C 118 9.41 -13.43 14.74
C ASP C 118 9.53 -13.10 13.25
N PRO C 119 9.47 -11.80 12.89
CA PRO C 119 9.43 -11.41 11.46
C PRO C 119 10.66 -11.98 10.71
N ALA C 120 10.42 -12.49 9.50
CA ALA C 120 11.42 -13.13 8.71
C ALA C 120 11.04 -13.06 7.22
N VAL C 121 12.04 -13.06 6.37
CA VAL C 121 11.86 -13.26 4.88
C VAL C 121 12.60 -14.51 4.47
N TYR C 122 11.84 -15.48 3.99
CA TYR C 122 12.36 -16.77 3.54
C TYR C 122 12.22 -16.92 2.02
N GLN C 123 13.13 -17.67 1.45
CA GLN C 123 13.02 -18.10 0.05
C GLN C 123 12.54 -19.55 0.00
N LEU C 124 11.51 -19.81 -0.81
CA LEU C 124 10.98 -21.18 -1.05
C LEU C 124 11.19 -21.65 -2.50
N ARG C 125 11.57 -22.91 -2.70
CA ARG C 125 11.80 -23.37 -4.10
C ARG C 125 10.77 -24.32 -4.67
N ASP C 126 10.58 -24.25 -6.00
CA ASP C 126 9.62 -25.09 -6.73
C ASP C 126 9.91 -26.59 -6.46
N SER C 127 8.86 -27.35 -6.08
CA SER C 127 8.96 -28.79 -5.81
C SER C 127 9.45 -29.59 -7.02
N LYS C 128 9.14 -29.12 -8.21
CA LYS C 128 9.56 -29.80 -9.40
C LYS C 128 10.82 -29.06 -9.90
N SER C 129 11.66 -29.80 -10.60
CA SER C 129 13.02 -29.31 -10.95
C SER C 129 13.00 -28.23 -12.02
N SER C 130 12.14 -27.23 -11.78
CA SER C 130 11.95 -26.07 -12.61
C SER C 130 12.53 -24.96 -11.71
N ASP C 131 13.65 -24.34 -12.14
CA ASP C 131 14.53 -23.51 -11.31
C ASP C 131 13.92 -22.16 -10.79
N LYS C 132 12.79 -22.32 -10.09
CA LYS C 132 11.82 -21.25 -9.83
C LYS C 132 11.66 -21.14 -8.28
N SER C 133 11.38 -19.91 -7.80
CA SER C 133 11.14 -19.62 -6.35
C SER C 133 10.17 -18.47 -6.07
N VAL C 134 9.78 -18.38 -4.81
CA VAL C 134 9.03 -17.30 -4.27
C VAL C 134 9.66 -16.90 -2.93
N CYS C 135 9.27 -15.73 -2.45
CA CYS C 135 9.73 -15.18 -1.15
C CYS C 135 8.53 -15.08 -0.21
N LEU C 136 8.73 -15.40 1.07
CA LEU C 136 7.68 -15.38 2.04
C LEU C 136 8.05 -14.47 3.19
N PHE C 137 7.30 -13.41 3.40
CA PHE C 137 7.51 -12.50 4.53
C PHE C 137 6.53 -12.97 5.56
N THR C 138 6.98 -13.33 6.77
CA THR C 138 6.06 -13.99 7.73
C THR C 138 6.38 -13.64 9.15
N ASP C 139 5.39 -13.87 10.02
CA ASP C 139 5.51 -13.89 11.49
C ASP C 139 5.67 -12.49 12.13
N PHE C 140 5.27 -11.47 11.39
CA PHE C 140 5.22 -10.11 11.86
C PHE C 140 3.92 -9.81 12.58
N ASP C 141 3.94 -8.83 13.46
CA ASP C 141 2.75 -8.48 14.27
C ASP C 141 1.90 -7.49 13.55
N SER C 142 0.79 -7.02 14.17
CA SER C 142 -0.12 -6.17 13.44
C SER C 142 0.34 -4.67 13.33
N GLN C 143 1.55 -4.33 13.78
CA GLN C 143 2.14 -2.97 13.53
C GLN C 143 2.73 -2.92 12.10
N THR C 144 2.85 -4.07 11.45
CA THR C 144 3.48 -4.14 10.13
C THR C 144 2.44 -4.27 9.04
N ASN C 145 2.62 -3.55 7.96
CA ASN C 145 1.82 -3.82 6.77
C ASN C 145 2.68 -3.91 5.54
N VAL C 146 2.14 -4.55 4.50
CA VAL C 146 2.83 -4.83 3.28
C VAL C 146 2.37 -3.88 2.18
N SER C 147 3.31 -3.26 1.52
CA SER C 147 2.99 -2.43 0.35
C SER C 147 3.10 -3.16 -0.97
N GLN C 148 2.34 -2.61 -1.90
CA GLN C 148 2.41 -2.82 -3.30
C GLN C 148 3.83 -2.73 -3.88
N SER C 149 4.11 -3.61 -4.82
CA SER C 149 5.37 -3.55 -5.55
C SER C 149 5.47 -2.26 -6.38
N LYS C 150 6.69 -1.75 -6.53
CA LYS C 150 7.00 -0.62 -7.36
C LYS C 150 7.61 -1.10 -8.70
N ASP C 151 7.87 -2.40 -8.82
CA ASP C 151 8.46 -2.98 -10.03
C ASP C 151 7.36 -3.81 -10.66
N SER C 152 7.01 -3.50 -11.92
CA SER C 152 5.92 -4.21 -12.60
C SER C 152 6.21 -5.69 -12.94
N ASP C 153 7.46 -6.14 -12.76
CA ASP C 153 7.79 -7.57 -12.85
C ASP C 153 7.95 -8.29 -11.50
N VAL C 154 7.61 -7.62 -10.40
CA VAL C 154 7.59 -8.21 -9.08
C VAL C 154 6.17 -8.18 -8.55
N TYR C 155 5.65 -9.35 -8.18
CA TYR C 155 4.27 -9.47 -7.71
C TYR C 155 4.27 -9.65 -6.23
N ILE C 156 3.44 -8.90 -5.49
CA ILE C 156 3.41 -8.99 -4.03
C ILE C 156 1.93 -9.03 -3.61
N THR C 157 1.57 -10.01 -2.81
CA THR C 157 0.19 -10.19 -2.34
C THR C 157 -0.02 -9.31 -1.08
N ASP C 158 -1.27 -9.15 -0.72
CA ASP C 158 -1.68 -8.60 0.58
C ASP C 158 -1.28 -9.53 1.73
N LYS C 159 -1.10 -9.07 2.95
CA LYS C 159 -0.99 -9.97 4.06
C LYS C 159 -2.28 -10.81 4.26
N CYS C 160 -2.07 -12.02 4.77
CA CYS C 160 -3.11 -13.04 4.91
CA CYS C 160 -2.99 -13.09 4.88
C CYS C 160 -2.82 -13.69 6.28
N VAL C 161 -3.86 -13.92 7.07
CA VAL C 161 -3.69 -14.59 8.38
C VAL C 161 -4.08 -16.07 8.30
N LEU C 162 -3.16 -16.98 8.71
CA LEU C 162 -3.44 -18.39 8.80
C LEU C 162 -3.54 -18.75 10.29
N ASP C 163 -4.40 -19.72 10.58
CA ASP C 163 -4.57 -20.25 11.96
C ASP C 163 -4.20 -21.74 11.94
N MET C 164 -3.03 -22.11 12.43
CA MET C 164 -2.67 -23.52 12.59
C MET C 164 -3.39 -24.04 13.81
N ARG C 165 -4.56 -24.63 13.59
CA ARG C 165 -5.38 -25.06 14.72
C ARG C 165 -4.72 -26.15 15.55
N SER C 166 -3.92 -26.98 14.88
CA SER C 166 -3.15 -28.06 15.56
C SER C 166 -2.31 -27.59 16.77
N MET C 167 -1.81 -26.36 16.69
CA MET C 167 -0.90 -25.74 17.67
C MET C 167 -1.50 -24.43 18.23
N ASP C 168 -2.80 -24.18 17.98
CA ASP C 168 -3.43 -22.90 18.37
C ASP C 168 -2.52 -21.68 18.13
N PHE C 169 -2.13 -21.50 16.86
CA PHE C 169 -1.06 -20.59 16.51
C PHE C 169 -1.47 -19.84 15.24
N LYS C 170 -1.54 -18.53 15.32
CA LYS C 170 -1.84 -17.70 14.11
C LYS C 170 -0.61 -16.95 13.65
N SER C 171 -0.56 -16.65 12.35
CA SER C 171 0.53 -15.92 11.78
C SER C 171 0.17 -15.22 10.49
N ASN C 172 0.71 -14.04 10.33
CA ASN C 172 0.61 -13.21 9.14
C ASN C 172 1.62 -13.63 8.09
N SER C 173 1.28 -13.57 6.81
CA SER C 173 2.32 -13.65 5.78
C SER C 173 1.92 -12.92 4.51
N ALA C 174 2.95 -12.59 3.73
CA ALA C 174 2.77 -12.12 2.36
C ALA C 174 3.74 -12.84 1.46
N VAL C 175 3.35 -12.96 0.20
CA VAL C 175 4.14 -13.66 -0.81
C VAL C 175 4.57 -12.72 -1.92
N ALA C 176 5.84 -12.86 -2.34
CA ALA C 176 6.37 -12.12 -3.46
C ALA C 176 7.06 -13.04 -4.47
N TRP C 177 6.95 -12.75 -5.76
CA TRP C 177 7.62 -13.55 -6.78
C TRP C 177 7.91 -12.75 -8.01
N SER C 178 8.84 -13.26 -8.83
CA SER C 178 9.20 -12.67 -10.08
C SER C 178 9.85 -13.72 -10.96
N ASN C 179 9.70 -13.58 -12.28
CA ASN C 179 10.50 -14.30 -13.26
C ASN C 179 11.90 -13.74 -13.44
N LYS C 180 12.14 -12.52 -12.98
CA LYS C 180 13.41 -11.86 -13.25
C LYS C 180 14.61 -12.64 -12.69
N SER C 181 15.58 -12.89 -13.57
CA SER C 181 16.80 -13.61 -13.21
C SER C 181 17.55 -12.91 -12.09
N ASP C 182 17.59 -11.58 -12.13
CA ASP C 182 18.15 -10.74 -11.06
C ASP C 182 17.36 -10.57 -9.72
N PHE C 183 16.22 -11.25 -9.54
CA PHE C 183 15.35 -11.02 -8.36
C PHE C 183 15.86 -11.71 -7.11
N ALA C 184 15.87 -11.00 -5.97
CA ALA C 184 16.35 -11.62 -4.72
C ALA C 184 15.44 -11.34 -3.57
N CYS C 185 15.23 -12.35 -2.73
CA CYS C 185 14.35 -12.20 -1.57
C CYS C 185 14.79 -11.11 -0.61
N ALA C 186 16.08 -10.83 -0.55
CA ALA C 186 16.55 -9.72 0.28
C ALA C 186 15.89 -8.38 -0.14
N ASN C 187 15.61 -8.21 -1.44
CA ASN C 187 15.04 -6.99 -1.97
C ASN C 187 13.54 -7.01 -2.23
N ALA C 188 12.92 -8.18 -2.14
CA ALA C 188 11.55 -8.29 -2.54
C ALA C 188 10.59 -7.32 -1.87
N PHE C 189 10.79 -7.11 -0.56
CA PHE C 189 9.87 -6.28 0.25
C PHE C 189 10.41 -4.88 0.55
N ASN C 190 11.32 -4.38 -0.28
CA ASN C 190 11.95 -3.06 -0.10
C ASN C 190 10.98 -1.87 -0.18
N ASN C 191 9.78 -2.07 -0.76
CA ASN C 191 8.77 -1.04 -0.76
C ASN C 191 7.88 -1.07 0.47
N SER C 192 8.10 -2.01 1.39
CA SER C 192 7.34 -2.13 2.64
C SER C 192 8.21 -1.69 3.77
N ILE C 193 7.55 -1.19 4.81
CA ILE C 193 8.20 -0.85 6.06
C ILE C 193 8.16 -2.12 6.89
N ILE C 194 9.33 -2.78 7.07
CA ILE C 194 9.44 -4.08 7.75
C ILE C 194 10.06 -3.87 9.15
N PRO C 195 9.88 -4.82 10.09
CA PRO C 195 10.44 -4.60 11.39
C PRO C 195 11.99 -4.56 11.33
N GLU C 196 12.58 -3.70 12.11
CA GLU C 196 14.06 -3.53 12.13
C GLU C 196 14.78 -4.88 12.43
N ASP C 197 14.08 -5.76 13.13
CA ASP C 197 14.58 -7.08 13.53
C ASP C 197 14.12 -8.24 12.67
N THR C 198 13.74 -7.95 11.43
CA THR C 198 13.44 -8.98 10.46
C THR C 198 14.66 -9.89 10.20
N PHE C 199 14.38 -11.18 10.29
CA PHE C 199 15.37 -12.21 10.04
C PHE C 199 15.56 -12.49 8.54
N PHE C 200 16.79 -12.34 8.04
CA PHE C 200 17.14 -12.61 6.64
C PHE C 200 18.22 -13.67 6.69
N PRO C 201 17.83 -14.95 6.51
CA PRO C 201 18.86 -16.02 6.57
C PRO C 201 19.83 -15.96 5.40
N SER C 202 20.92 -16.73 5.44
CA SER C 202 21.66 -17.09 4.17
C SER C 202 20.78 -17.77 3.05
N ALA D 1 -39.42 -21.81 -2.03
CA ALA D 1 -38.42 -21.34 -1.06
C ALA D 1 -37.57 -22.45 -0.46
N ASP D 2 -37.37 -23.43 -1.33
CA ASP D 2 -36.06 -23.76 -1.69
C ASP D 2 -36.24 -22.81 -2.98
N VAL D 3 -35.47 -21.74 -2.94
CA VAL D 3 -35.25 -20.89 -4.11
C VAL D 3 -34.01 -21.39 -4.80
N THR D 4 -34.12 -21.73 -6.09
CA THR D 4 -33.01 -22.28 -6.86
C THR D 4 -32.77 -21.44 -8.12
N GLN D 5 -31.52 -21.34 -8.54
CA GLN D 5 -31.20 -20.61 -9.76
C GLN D 5 -30.29 -21.36 -10.65
N THR D 6 -30.43 -21.11 -11.95
CA THR D 6 -29.59 -21.70 -12.94
C THR D 6 -29.23 -20.60 -13.98
N PRO D 7 -28.03 -20.67 -14.56
CA PRO D 7 -26.96 -21.60 -14.17
C PRO D 7 -26.26 -21.14 -12.87
N ARG D 8 -25.33 -21.93 -12.38
CA ARG D 8 -24.53 -21.56 -11.20
C ARG D 8 -23.29 -20.71 -11.59
N ASN D 9 -22.64 -21.06 -12.70
CA ASN D 9 -21.45 -20.41 -13.19
C ASN D 9 -21.61 -20.36 -14.72
N ARG D 10 -21.25 -19.25 -15.32
CA ARG D 10 -21.26 -19.13 -16.80
C ARG D 10 -20.31 -18.08 -17.26
N ILE D 11 -19.60 -18.39 -18.33
CA ILE D 11 -18.80 -17.45 -19.04
C ILE D 11 -19.48 -17.26 -20.38
N THR D 12 -19.66 -16.01 -20.77
N THR D 12 -19.65 -15.99 -20.78
CA THR D 12 -20.20 -15.66 -22.08
CA THR D 12 -20.18 -15.63 -22.08
C THR D 12 -19.35 -14.62 -22.79
C THR D 12 -19.46 -14.50 -22.80
N LYS D 13 -19.44 -14.61 -24.11
CA LYS D 13 -18.92 -13.58 -24.97
C LYS D 13 -19.90 -12.40 -25.00
N THR D 14 -19.35 -11.21 -25.11
CA THR D 14 -20.17 -10.00 -25.33
C THR D 14 -21.05 -10.12 -26.58
N GLY D 15 -22.21 -9.49 -26.51
CA GLY D 15 -23.18 -9.52 -27.58
C GLY D 15 -24.20 -10.65 -27.56
N LYS D 16 -24.05 -11.65 -26.70
CA LYS D 16 -25.00 -12.77 -26.62
C LYS D 16 -26.16 -12.44 -25.71
N ARG D 17 -27.32 -13.02 -25.98
CA ARG D 17 -28.44 -12.99 -25.06
C ARG D 17 -28.28 -14.13 -24.06
N ILE D 18 -28.36 -13.85 -22.76
CA ILE D 18 -28.13 -14.87 -21.71
C ILE D 18 -29.31 -14.84 -20.80
N MET D 19 -29.81 -16.01 -20.42
CA MET D 19 -30.97 -16.08 -19.53
C MET D 19 -30.59 -16.81 -18.21
N LEU D 20 -30.94 -16.20 -17.10
CA LEU D 20 -30.83 -16.78 -15.78
C LEU D 20 -32.24 -17.08 -15.30
N GLU D 21 -32.44 -18.24 -14.67
CA GLU D 21 -33.75 -18.66 -14.22
C GLU D 21 -33.77 -18.81 -12.69
N CYS D 22 -34.84 -18.37 -12.07
CA CYS D 22 -35.07 -18.51 -10.62
C CYS D 22 -36.37 -19.29 -10.46
N SER D 23 -36.40 -20.31 -9.60
CA SER D 23 -37.62 -21.07 -9.29
C SER D 23 -37.78 -21.12 -7.78
N GLN D 24 -39.02 -21.13 -7.30
CA GLN D 24 -39.31 -21.34 -5.88
C GLN D 24 -40.39 -22.41 -5.72
N THR D 25 -40.51 -23.00 -4.51
CA THR D 25 -41.56 -23.92 -4.19
C THR D 25 -42.67 -23.41 -3.28
N LYS D 26 -42.45 -22.29 -2.62
CA LYS D 26 -43.42 -21.77 -1.59
C LYS D 26 -44.51 -20.86 -2.21
N GLY D 27 -44.37 -20.51 -3.47
CA GLY D 27 -45.40 -19.75 -4.16
C GLY D 27 -45.64 -18.35 -3.66
N HIS D 28 -44.60 -17.69 -3.15
CA HIS D 28 -44.68 -16.29 -2.73
C HIS D 28 -45.00 -15.38 -3.90
N ASP D 29 -45.94 -14.43 -3.74
CA ASP D 29 -46.21 -13.47 -4.81
C ASP D 29 -44.91 -12.71 -5.27
N ARG D 30 -44.06 -12.36 -4.32
CA ARG D 30 -42.97 -11.39 -4.56
C ARG D 30 -41.65 -12.10 -4.94
N MET D 31 -41.13 -11.79 -6.15
CA MET D 31 -39.81 -12.27 -6.59
C MET D 31 -38.96 -11.10 -7.10
N TYR D 32 -37.63 -11.23 -6.97
CA TYR D 32 -36.69 -10.14 -7.15
C TYR D 32 -35.46 -10.68 -7.81
N TRP D 33 -34.85 -9.87 -8.68
CA TRP D 33 -33.47 -10.14 -9.10
C TRP D 33 -32.55 -9.00 -8.72
N TYR D 34 -31.43 -9.37 -8.12
CA TYR D 34 -30.41 -8.46 -7.67
C TYR D 34 -29.09 -8.88 -8.32
N ARG D 35 -28.19 -7.92 -8.43
CA ARG D 35 -26.77 -8.18 -8.68
C ARG D 35 -25.91 -7.62 -7.56
N GLN D 36 -24.78 -8.28 -7.36
CA GLN D 36 -23.84 -7.88 -6.33
C GLN D 36 -22.50 -7.63 -7.01
N ASP D 37 -21.93 -6.49 -6.67
CA ASP D 37 -20.61 -6.11 -7.11
C ASP D 37 -19.81 -5.57 -5.95
N PRO D 38 -18.47 -5.75 -6.01
CA PRO D 38 -17.66 -5.26 -4.90
C PRO D 38 -17.77 -3.73 -4.73
N GLY D 39 -18.00 -3.29 -3.50
CA GLY D 39 -18.11 -1.89 -3.18
C GLY D 39 -19.50 -1.31 -3.37
N LEU D 40 -20.41 -2.05 -3.94
CA LEU D 40 -21.74 -1.55 -4.21
C LEU D 40 -22.83 -2.29 -3.57
N GLY D 41 -22.57 -3.45 -2.97
CA GLY D 41 -23.61 -4.24 -2.33
C GLY D 41 -24.49 -4.89 -3.32
N LEU D 42 -25.74 -5.14 -2.94
CA LEU D 42 -26.73 -5.75 -3.78
C LEU D 42 -27.61 -4.64 -4.32
N ARG D 43 -27.70 -4.60 -5.67
CA ARG D 43 -28.53 -3.64 -6.34
C ARG D 43 -29.69 -4.35 -7.03
N LEU D 44 -30.89 -3.80 -6.85
CA LEU D 44 -32.10 -4.43 -7.40
C LEU D 44 -32.18 -4.14 -8.90
N ILE D 45 -32.42 -5.17 -9.68
CA ILE D 45 -32.57 -5.04 -11.18
C ILE D 45 -34.06 -4.89 -11.55
N TYR D 46 -34.82 -5.90 -11.22
CA TYR D 46 -36.27 -5.95 -11.50
C TYR D 46 -36.99 -6.77 -10.44
N TYR D 47 -38.28 -6.56 -10.29
CA TYR D 47 -39.03 -7.34 -9.35
C TYR D 47 -40.47 -7.46 -9.78
N SER D 48 -41.16 -8.43 -9.21
CA SER D 48 -42.49 -8.85 -9.70
C SER D 48 -43.36 -9.29 -8.53
N PHE D 49 -44.63 -8.84 -8.53
CA PHE D 49 -45.59 -9.30 -7.51
C PHE D 49 -46.59 -10.33 -8.03
N ASP D 50 -46.65 -10.54 -9.33
CA ASP D 50 -47.60 -11.49 -9.88
C ASP D 50 -47.14 -11.79 -11.27
N VAL D 51 -47.70 -12.87 -11.82
CA VAL D 51 -47.52 -13.15 -13.24
C VAL D 51 -47.89 -11.92 -14.06
N LYS D 52 -47.02 -11.57 -15.02
CA LYS D 52 -46.97 -10.28 -15.79
C LYS D 52 -47.16 -8.86 -15.08
N ASP D 53 -47.00 -8.78 -13.76
CA ASP D 53 -46.68 -7.51 -13.05
C ASP D 53 -45.13 -7.41 -12.93
N ILE D 54 -44.55 -6.36 -13.51
CA ILE D 54 -43.11 -6.17 -13.52
C ILE D 54 -42.78 -4.73 -13.15
N ASN D 55 -41.71 -4.55 -12.36
CA ASN D 55 -41.32 -3.26 -11.82
C ASN D 55 -39.78 -3.10 -11.93
N LYS D 56 -39.36 -1.95 -12.47
CA LYS D 56 -37.89 -1.64 -12.52
C LYS D 56 -37.29 -1.37 -11.15
N GLY D 57 -36.06 -1.85 -10.96
CA GLY D 57 -35.28 -1.53 -9.79
C GLY D 57 -34.31 -0.44 -10.15
N GLU D 58 -33.29 -0.26 -9.34
CA GLU D 58 -32.35 0.85 -9.61
C GLU D 58 -31.41 0.64 -10.83
N ILE D 59 -31.20 -0.57 -11.30
CA ILE D 59 -30.34 -0.79 -12.46
C ILE D 59 -30.92 -1.77 -13.48
N SER D 60 -31.98 -1.34 -14.13
CA SER D 60 -32.72 -2.17 -15.07
C SER D 60 -32.17 -2.11 -16.54
N ASP D 61 -31.38 -1.07 -16.88
CA ASP D 61 -30.90 -0.92 -18.27
C ASP D 61 -30.03 -2.10 -18.68
N GLY D 62 -30.26 -2.65 -19.88
CA GLY D 62 -29.53 -3.82 -20.35
C GLY D 62 -30.14 -5.17 -19.96
N TYR D 63 -31.20 -5.15 -19.15
CA TYR D 63 -31.89 -6.34 -18.71
C TYR D 63 -33.38 -6.35 -19.08
N SER D 64 -33.94 -7.56 -19.16
CA SER D 64 -35.42 -7.73 -19.25
C SER D 64 -35.79 -8.90 -18.31
N VAL D 65 -37.06 -9.04 -18.01
CA VAL D 65 -37.47 -10.14 -17.13
C VAL D 65 -38.80 -10.64 -17.60
N SER D 66 -39.16 -11.84 -17.15
CA SER D 66 -40.41 -12.49 -17.48
C SER D 66 -40.87 -13.24 -16.22
N ARG D 67 -42.15 -13.10 -15.89
CA ARG D 67 -42.71 -13.84 -14.75
C ARG D 67 -43.67 -14.84 -15.36
N GLN D 68 -43.13 -15.99 -15.76
CA GLN D 68 -43.90 -16.98 -16.51
C GLN D 68 -44.87 -17.81 -15.65
N ALA D 69 -44.64 -17.80 -14.33
CA ALA D 69 -45.41 -18.60 -13.41
C ALA D 69 -45.28 -18.05 -12.05
N GLN D 70 -46.26 -18.37 -11.21
CA GLN D 70 -46.09 -18.05 -9.76
C GLN D 70 -44.71 -18.50 -9.30
N ALA D 71 -44.29 -19.67 -9.74
CA ALA D 71 -43.03 -20.22 -9.23
C ALA D 71 -41.71 -19.71 -9.89
N LYS D 72 -41.78 -19.01 -11.03
CA LYS D 72 -40.59 -18.78 -11.85
C LYS D 72 -40.44 -17.34 -12.24
N PHE D 73 -39.18 -16.85 -12.27
CA PHE D 73 -38.89 -15.44 -12.66
C PHE D 73 -37.56 -15.46 -13.39
N SER D 74 -37.56 -15.15 -14.70
CA SER D 74 -36.39 -15.25 -15.50
C SER D 74 -35.83 -13.84 -15.70
N LEU D 75 -34.52 -13.76 -15.75
CA LEU D 75 -33.76 -12.54 -16.00
C LEU D 75 -32.96 -12.69 -17.30
N SER D 76 -33.07 -11.75 -18.23
CA SER D 76 -32.30 -11.83 -19.49
C SER D 76 -31.33 -10.67 -19.57
N LEU D 77 -30.06 -10.94 -19.92
CA LEU D 77 -29.16 -9.91 -20.41
C LEU D 77 -29.40 -9.88 -21.91
N GLU D 78 -29.98 -8.81 -22.44
CA GLU D 78 -30.33 -8.74 -23.88
C GLU D 78 -29.16 -8.85 -24.81
N SER D 79 -28.05 -8.22 -24.42
CA SER D 79 -26.89 -8.15 -25.27
C SER D 79 -25.75 -7.94 -24.32
N ALA D 80 -25.14 -9.03 -23.88
CA ALA D 80 -24.22 -9.00 -22.74
C ALA D 80 -23.02 -8.05 -23.01
N ILE D 81 -22.67 -7.28 -22.01
CA ILE D 81 -21.49 -6.44 -22.02
C ILE D 81 -20.65 -6.71 -20.76
N PRO D 82 -19.33 -6.40 -20.84
CA PRO D 82 -18.46 -6.77 -19.73
C PRO D 82 -18.85 -6.27 -18.33
N ASN D 83 -19.40 -5.06 -18.22
CA ASN D 83 -19.83 -4.54 -16.92
C ASN D 83 -21.11 -5.22 -16.35
N GLN D 84 -21.66 -6.20 -17.05
CA GLN D 84 -22.69 -7.07 -16.49
C GLN D 84 -22.09 -8.32 -15.80
N THR D 85 -20.76 -8.41 -15.77
CA THR D 85 -20.08 -9.38 -15.00
C THR D 85 -20.42 -9.13 -13.53
N ALA D 86 -20.94 -10.12 -12.85
CA ALA D 86 -21.41 -9.95 -11.44
C ALA D 86 -21.86 -11.26 -10.87
N LEU D 87 -22.16 -11.27 -9.55
CA LEU D 87 -22.79 -12.34 -8.92
C LEU D 87 -24.28 -11.88 -8.90
N TYR D 88 -25.16 -12.72 -9.38
CA TYR D 88 -26.61 -12.42 -9.48
C TYR D 88 -27.37 -13.28 -8.47
N PHE D 89 -28.32 -12.67 -7.72
CA PHE D 89 -29.07 -13.37 -6.69
C PHE D 89 -30.55 -13.12 -6.94
N CYS D 90 -31.31 -14.20 -7.01
CA CYS D 90 -32.74 -14.04 -6.97
CA CYS D 90 -32.77 -14.16 -6.96
C CYS D 90 -33.20 -14.16 -5.51
N ALA D 91 -34.36 -13.58 -5.23
CA ALA D 91 -34.96 -13.67 -3.89
C ALA D 91 -36.48 -13.74 -4.01
N THR D 92 -37.09 -14.31 -2.98
CA THR D 92 -38.53 -14.19 -2.77
C THR D 92 -38.77 -13.48 -1.44
N SER D 93 -39.94 -12.92 -1.27
CA SER D 93 -40.34 -12.41 0.03
C SER D 93 -41.79 -12.80 0.31
N ASP D 94 -42.07 -12.98 1.61
CA ASP D 94 -43.40 -13.12 2.10
C ASP D 94 -44.00 -11.72 2.23
N GLU D 95 -45.14 -11.58 2.88
CA GLU D 95 -45.71 -10.24 3.01
C GLU D 95 -45.13 -9.40 4.19
N SER D 96 -44.08 -9.92 4.87
CA SER D 96 -43.49 -9.26 6.03
C SER D 96 -41.98 -9.19 5.94
N TYR D 97 -41.45 -9.01 4.73
CA TYR D 97 -40.00 -8.84 4.51
C TYR D 97 -39.16 -10.06 4.88
N GLY D 98 -39.77 -11.24 4.91
CA GLY D 98 -39.00 -12.47 5.09
C GLY D 98 -38.42 -12.92 3.78
N TYR D 99 -37.16 -12.56 3.53
CA TYR D 99 -36.50 -12.82 2.27
C TYR D 99 -35.85 -14.23 2.28
N THR D 100 -35.91 -14.89 1.13
CA THR D 100 -35.12 -16.10 0.89
C THR D 100 -34.33 -15.86 -0.36
N PHE D 101 -32.99 -15.95 -0.27
CA PHE D 101 -32.15 -15.81 -1.42
C PHE D 101 -31.80 -17.14 -2.05
N GLY D 102 -31.60 -17.15 -3.37
CA GLY D 102 -31.03 -18.24 -4.08
C GLY D 102 -29.51 -18.20 -3.83
N SER D 103 -28.80 -19.27 -4.19
CA SER D 103 -27.39 -19.37 -3.77
C SER D 103 -26.45 -18.70 -4.76
N GLY D 104 -26.98 -18.18 -5.86
CA GLY D 104 -26.25 -17.23 -6.71
C GLY D 104 -25.84 -17.77 -8.06
N THR D 105 -25.70 -16.88 -9.01
CA THR D 105 -25.15 -17.20 -10.31
C THR D 105 -23.93 -16.28 -10.53
N ARG D 106 -22.75 -16.86 -10.74
CA ARG D 106 -21.54 -16.08 -11.08
C ARG D 106 -21.45 -16.02 -12.63
N LEU D 107 -21.64 -14.83 -13.19
CA LEU D 107 -21.63 -14.60 -14.62
C LEU D 107 -20.45 -13.72 -15.00
N THR D 108 -19.63 -14.17 -15.97
CA THR D 108 -18.50 -13.38 -16.45
C THR D 108 -18.69 -13.21 -17.94
N VAL D 109 -18.70 -11.95 -18.35
CA VAL D 109 -18.87 -11.50 -19.72
C VAL D 109 -17.54 -11.04 -20.23
N VAL D 110 -16.99 -11.73 -21.24
CA VAL D 110 -15.69 -11.39 -21.77
C VAL D 110 -15.86 -11.02 -23.26
N GLU D 111 -15.01 -10.11 -23.70
CA GLU D 111 -15.00 -9.69 -25.08
C GLU D 111 -14.56 -10.75 -26.07
N ASP D 112 -13.57 -11.54 -25.69
CA ASP D 112 -12.98 -12.48 -26.58
C ASP D 112 -12.67 -13.80 -25.84
N LEU D 113 -13.38 -14.85 -26.23
CA LEU D 113 -13.20 -16.19 -25.64
C LEU D 113 -11.83 -16.75 -25.91
N ASN D 114 -11.15 -16.29 -26.96
CA ASN D 114 -9.79 -16.68 -27.22
C ASN D 114 -8.82 -16.42 -26.08
N LYS D 115 -9.18 -15.50 -25.19
CA LYS D 115 -8.27 -15.15 -24.07
C LYS D 115 -8.41 -16.04 -22.86
N VAL D 116 -9.40 -16.92 -22.88
CA VAL D 116 -9.64 -17.83 -21.75
C VAL D 116 -8.45 -18.79 -21.66
N SER D 117 -8.01 -19.09 -20.44
CA SER D 117 -6.78 -19.79 -20.19
C SER D 117 -6.81 -20.42 -18.82
N PRO D 118 -6.52 -21.73 -18.69
CA PRO D 118 -6.45 -22.30 -17.33
C PRO D 118 -5.19 -21.89 -16.59
N PRO D 119 -5.17 -22.06 -15.26
CA PRO D 119 -3.97 -21.76 -14.51
C PRO D 119 -2.85 -22.78 -14.72
N GLU D 120 -1.65 -22.32 -14.66
CA GLU D 120 -0.50 -23.17 -14.33
C GLU D 120 -0.39 -23.08 -12.79
N VAL D 121 -0.18 -24.22 -12.17
CA VAL D 121 -0.15 -24.34 -10.69
C VAL D 121 1.23 -24.96 -10.28
N ALA D 122 1.89 -24.37 -9.28
CA ALA D 122 3.15 -24.88 -8.72
C ALA D 122 3.12 -24.83 -7.21
N VAL D 123 3.76 -25.84 -6.57
CA VAL D 123 3.90 -25.82 -5.12
C VAL D 123 5.40 -25.59 -4.86
N PHE D 124 5.67 -24.66 -3.94
CA PHE D 124 7.04 -24.33 -3.53
C PHE D 124 7.22 -24.85 -2.12
N GLU D 125 8.32 -25.60 -1.92
CA GLU D 125 8.60 -26.28 -0.69
C GLU D 125 9.11 -25.32 0.39
N PRO D 126 8.88 -25.66 1.65
CA PRO D 126 9.36 -24.81 2.76
C PRO D 126 10.83 -24.54 2.75
N SER D 127 11.20 -23.33 3.18
CA SER D 127 12.59 -22.96 3.44
C SER D 127 13.23 -23.79 4.57
N GLU D 128 14.46 -24.24 4.38
CA GLU D 128 15.22 -24.90 5.41
C GLU D 128 15.48 -23.90 6.57
N ALA D 129 15.72 -22.63 6.23
CA ALA D 129 15.91 -21.61 7.28
C ALA D 129 14.65 -21.40 8.13
N GLU D 130 13.45 -21.46 7.53
CA GLU D 130 12.20 -21.41 8.32
C GLU D 130 12.16 -22.56 9.26
N ILE D 131 12.46 -23.75 8.73
CA ILE D 131 12.38 -24.93 9.54
C ILE D 131 13.29 -24.84 10.74
N SER D 132 14.53 -24.42 10.54
CA SER D 132 15.49 -24.31 11.61
C SER D 132 15.12 -23.20 12.63
N HIS D 133 14.61 -22.08 12.11
CA HIS D 133 14.34 -20.90 12.94
C HIS D 133 13.10 -21.10 13.82
N THR D 134 12.06 -21.74 13.27
CA THR D 134 10.74 -21.80 13.89
C THR D 134 10.17 -23.16 14.22
N GLN D 135 10.80 -24.23 13.71
CA GLN D 135 10.21 -25.58 13.75
C GLN D 135 8.81 -25.67 13.11
N LYS D 136 8.56 -24.78 12.15
CA LYS D 136 7.37 -24.87 11.30
C LYS D 136 7.83 -24.78 9.85
N ALA D 137 6.93 -25.03 8.97
CA ALA D 137 7.20 -25.20 7.53
C ALA D 137 6.00 -24.74 6.71
N THR D 138 6.19 -23.69 5.92
CA THR D 138 5.17 -23.11 5.10
C THR D 138 5.37 -23.51 3.61
N LEU D 139 4.37 -24.19 3.06
CA LEU D 139 4.29 -24.45 1.61
C LEU D 139 3.56 -23.31 0.97
N VAL D 140 3.90 -22.96 -0.26
CA VAL D 140 3.22 -21.91 -1.01
C VAL D 140 2.77 -22.51 -2.35
N CYS D 141 1.50 -22.29 -2.67
CA CYS D 141 0.90 -22.64 -3.97
C CYS D 141 0.79 -21.35 -4.76
N LEU D 142 1.23 -21.36 -6.01
CA LEU D 142 0.99 -20.26 -6.95
C LEU D 142 0.22 -20.73 -8.14
N ALA D 143 -0.95 -20.11 -8.42
CA ALA D 143 -1.67 -20.34 -9.64
C ALA D 143 -1.48 -19.11 -10.52
N THR D 144 -1.12 -19.29 -11.80
CA THR D 144 -0.77 -18.16 -12.63
C THR D 144 -1.27 -18.36 -14.02
N GLY D 145 -1.36 -17.25 -14.75
CA GLY D 145 -1.64 -17.20 -16.16
C GLY D 145 -3.11 -17.53 -16.51
N PHE D 146 -4.02 -17.34 -15.59
CA PHE D 146 -5.42 -17.75 -15.83
C PHE D 146 -6.34 -16.59 -16.16
N TYR D 147 -7.37 -16.89 -16.93
CA TYR D 147 -8.36 -15.91 -17.35
C TYR D 147 -9.65 -16.64 -17.69
N PRO D 148 -10.80 -16.15 -17.23
CA PRO D 148 -11.03 -15.02 -16.37
C PRO D 148 -10.70 -15.30 -14.91
N ASP D 149 -11.04 -14.37 -14.02
CA ASP D 149 -10.54 -14.35 -12.67
C ASP D 149 -11.05 -15.36 -11.65
N HIS D 150 -11.91 -16.32 -12.03
CA HIS D 150 -12.56 -17.18 -11.00
C HIS D 150 -12.09 -18.64 -10.89
N VAL D 151 -11.53 -18.89 -9.74
CA VAL D 151 -10.99 -20.18 -9.40
C VAL D 151 -11.26 -20.46 -7.93
N GLU D 152 -11.16 -21.74 -7.57
CA GLU D 152 -11.31 -22.17 -6.18
C GLU D 152 -10.12 -23.05 -5.82
N LEU D 153 -9.32 -22.60 -4.85
CA LEU D 153 -8.12 -23.31 -4.50
C LEU D 153 -8.34 -24.02 -3.19
N SER D 154 -7.81 -25.24 -3.09
CA SER D 154 -7.91 -26.02 -1.87
C SER D 154 -6.65 -26.84 -1.69
N TRP D 155 -6.39 -27.23 -0.44
CA TRP D 155 -5.22 -28.04 -0.11
C TRP D 155 -5.68 -29.45 0.35
N TRP D 156 -4.87 -30.44 -0.02
CA TRP D 156 -5.15 -31.87 0.20
C TRP D 156 -3.87 -32.49 0.80
N VAL D 157 -4.00 -33.03 2.02
CA VAL D 157 -2.90 -33.70 2.71
C VAL D 157 -3.29 -35.17 2.90
N ASN D 158 -2.41 -36.05 2.41
CA ASN D 158 -2.64 -37.49 2.39
C ASN D 158 -4.07 -37.82 1.87
N GLY D 159 -4.43 -37.11 0.79
CA GLY D 159 -5.73 -37.25 0.14
C GLY D 159 -7.00 -36.76 0.82
N LYS D 160 -6.87 -35.92 1.84
CA LYS D 160 -8.04 -35.36 2.54
C LYS D 160 -7.91 -33.85 2.47
N GLU D 161 -9.03 -33.16 2.25
CA GLU D 161 -8.99 -31.72 2.19
C GLU D 161 -8.67 -31.16 3.58
N VAL D 162 -7.78 -30.17 3.64
CA VAL D 162 -7.48 -29.47 4.91
C VAL D 162 -7.88 -28.02 4.85
N HIS D 163 -8.33 -27.50 5.98
CA HIS D 163 -8.63 -26.06 6.12
C HIS D 163 -7.69 -25.34 7.15
N SER D 164 -7.33 -26.05 8.20
CA SER D 164 -6.38 -25.54 9.20
C SER D 164 -5.00 -25.23 8.60
N GLY D 165 -4.42 -24.13 9.02
CA GLY D 165 -3.08 -23.76 8.63
C GLY D 165 -3.04 -23.16 7.23
N VAL D 166 -4.20 -22.83 6.68
CA VAL D 166 -4.28 -22.32 5.30
C VAL D 166 -4.71 -20.86 5.25
N CYS D 167 -4.08 -20.11 4.33
CA CYS D 167 -4.59 -18.83 3.93
CA CYS D 167 -4.70 -18.90 3.93
C CYS D 167 -4.39 -18.60 2.44
N THR D 168 -5.45 -18.24 1.77
CA THR D 168 -5.49 -18.02 0.35
C THR D 168 -5.83 -16.56 0.16
N ASP D 169 -5.17 -15.91 -0.81
CA ASP D 169 -5.47 -14.52 -1.11
C ASP D 169 -7.01 -14.40 -1.41
N PRO D 170 -7.64 -13.34 -0.95
CA PRO D 170 -9.08 -13.25 -1.23
C PRO D 170 -9.40 -12.90 -2.69
N GLN D 171 -8.49 -12.23 -3.39
CA GLN D 171 -8.66 -11.85 -4.80
C GLN D 171 -7.40 -12.10 -5.57
N PRO D 172 -7.54 -12.56 -6.84
CA PRO D 172 -6.32 -12.65 -7.62
C PRO D 172 -5.77 -11.28 -7.98
N LEU D 173 -4.48 -11.21 -8.30
CA LEU D 173 -3.92 -10.01 -8.85
C LEU D 173 -3.74 -10.09 -10.39
N LYS D 174 -3.69 -8.95 -11.06
CA LYS D 174 -3.47 -8.87 -12.51
C LYS D 174 -1.97 -9.00 -12.83
N GLU D 175 -1.63 -9.90 -13.72
CA GLU D 175 -0.23 -10.06 -14.20
C GLU D 175 0.23 -8.85 -15.00
N GLN D 176 -0.72 -8.20 -15.65
CA GLN D 176 -0.42 -7.08 -16.55
C GLN D 176 -1.51 -6.06 -16.30
N PRO D 177 -1.41 -5.30 -15.19
CA PRO D 177 -2.51 -4.41 -14.76
C PRO D 177 -2.98 -3.37 -15.80
N ALA D 178 -2.09 -2.96 -16.71
CA ALA D 178 -2.49 -1.99 -17.76
C ALA D 178 -3.42 -2.54 -18.83
N LEU D 179 -3.63 -3.86 -18.84
CA LEU D 179 -4.39 -4.52 -19.91
C LEU D 179 -5.78 -4.90 -19.41
N ASN D 180 -6.74 -4.63 -20.27
CA ASN D 180 -8.15 -4.90 -20.01
C ASN D 180 -8.43 -6.39 -19.92
N ASP D 181 -7.64 -7.19 -20.61
CA ASP D 181 -7.81 -8.66 -20.58
C ASP D 181 -6.58 -9.34 -19.98
N SER D 182 -5.94 -8.66 -19.01
CA SER D 182 -4.85 -9.26 -18.25
C SER D 182 -5.21 -10.64 -17.69
N ARG D 183 -4.24 -11.56 -17.72
CA ARG D 183 -4.38 -12.80 -16.97
C ARG D 183 -4.11 -12.48 -15.48
N TYR D 184 -4.50 -13.45 -14.68
CA TYR D 184 -4.49 -13.38 -13.19
C TYR D 184 -3.57 -14.36 -12.52
N SER D 185 -3.30 -14.05 -11.24
CA SER D 185 -2.47 -14.89 -10.39
C SER D 185 -3.03 -14.93 -8.97
N LEU D 186 -2.80 -16.02 -8.30
CA LEU D 186 -3.36 -16.25 -6.95
C LEU D 186 -2.37 -17.03 -6.15
N SER D 187 -2.21 -16.66 -4.87
CA SER D 187 -1.32 -17.48 -4.03
C SER D 187 -2.04 -18.01 -2.80
N SER D 188 -1.49 -19.07 -2.24
CA SER D 188 -1.94 -19.64 -0.98
C SER D 188 -0.81 -20.28 -0.17
N ARG D 189 -0.97 -20.27 1.15
CA ARG D 189 0.02 -20.84 2.04
C ARG D 189 -0.67 -21.98 2.82
N LEU D 190 0.09 -23.04 3.07
CA LEU D 190 -0.26 -24.08 4.04
C LEU D 190 0.89 -24.20 4.99
N ARG D 191 0.65 -24.00 6.30
CA ARG D 191 1.75 -24.17 7.24
C ARG D 191 1.51 -25.39 8.13
N VAL D 192 2.54 -26.16 8.36
CA VAL D 192 2.52 -27.38 9.20
C VAL D 192 3.73 -27.41 10.10
N SER D 193 3.77 -28.34 11.06
CA SER D 193 4.98 -28.44 11.87
C SER D 193 6.11 -28.96 11.04
N ALA D 194 7.33 -28.61 11.43
CA ALA D 194 8.53 -29.10 10.70
C ALA D 194 8.58 -30.61 10.70
N THR D 195 8.27 -31.22 11.85
CA THR D 195 8.17 -32.68 11.99
C THR D 195 7.28 -33.32 10.91
N PHE D 196 6.12 -32.74 10.67
CA PHE D 196 5.18 -33.28 9.70
C PHE D 196 5.70 -33.10 8.26
N TRP D 197 6.29 -31.95 7.93
CA TRP D 197 6.92 -31.74 6.61
C TRP D 197 8.10 -32.72 6.38
N GLN D 198 8.82 -33.03 7.47
CA GLN D 198 10.04 -33.84 7.37
C GLN D 198 9.77 -35.33 7.25
N ASN D 199 8.49 -35.73 7.32
CA ASN D 199 8.10 -37.13 7.22
C ASN D 199 7.90 -37.40 5.72
N PRO D 200 8.78 -38.22 5.09
CA PRO D 200 8.65 -38.45 3.64
C PRO D 200 7.40 -39.25 3.17
N ARG D 201 6.62 -39.78 4.10
CA ARG D 201 5.34 -40.42 3.80
C ARG D 201 4.23 -39.40 3.54
N ASN D 202 4.42 -38.18 4.00
CA ASN D 202 3.35 -37.18 3.85
C ASN D 202 3.29 -36.55 2.46
N HIS D 203 2.09 -36.47 1.91
CA HIS D 203 1.84 -36.01 0.52
C HIS D 203 0.97 -34.73 0.54
N PHE D 204 1.42 -33.66 -0.13
CA PHE D 204 0.75 -32.38 -0.11
C PHE D 204 0.35 -31.98 -1.52
N ARG D 205 -0.92 -31.59 -1.71
CA ARG D 205 -1.40 -31.20 -3.03
C ARG D 205 -2.20 -29.94 -2.97
N CYS D 206 -1.89 -28.97 -3.85
CA CYS D 206 -2.68 -27.81 -4.05
C CYS D 206 -3.55 -28.03 -5.26
N GLN D 207 -4.85 -27.84 -5.14
CA GLN D 207 -5.80 -28.08 -6.19
C GLN D 207 -6.51 -26.78 -6.56
N VAL D 208 -6.52 -26.45 -7.87
CA VAL D 208 -7.23 -25.29 -8.34
C VAL D 208 -8.34 -25.70 -9.28
N GLN D 209 -9.59 -25.46 -8.91
CA GLN D 209 -10.72 -25.61 -9.82
C GLN D 209 -10.80 -24.34 -10.61
N PHE D 210 -10.68 -24.47 -11.95
CA PHE D 210 -10.86 -23.39 -12.91
C PHE D 210 -12.19 -23.48 -13.61
N TYR D 211 -12.85 -22.33 -13.79
CA TYR D 211 -14.08 -22.30 -14.53
C TYR D 211 -13.84 -21.64 -15.89
N GLY D 212 -14.12 -22.35 -16.97
CA GLY D 212 -13.75 -21.91 -18.30
C GLY D 212 -14.82 -22.15 -19.32
N LEU D 213 -14.41 -22.58 -20.52
CA LEU D 213 -15.30 -22.86 -21.59
C LEU D 213 -16.08 -24.16 -21.38
N SER D 214 -17.25 -24.26 -22.02
CA SER D 214 -17.97 -25.51 -21.98
C SER D 214 -17.73 -26.29 -23.27
N GLU D 215 -18.30 -27.48 -23.35
CA GLU D 215 -18.10 -28.31 -24.55
C GLU D 215 -18.74 -27.71 -25.75
N ASN D 216 -19.81 -26.95 -25.56
CA ASN D 216 -20.53 -26.21 -26.64
C ASN D 216 -19.70 -25.13 -27.32
N ASP D 217 -18.67 -24.62 -26.65
CA ASP D 217 -17.98 -23.42 -27.15
C ASP D 217 -17.08 -23.80 -28.33
N GLU D 218 -17.05 -22.96 -29.36
CA GLU D 218 -16.10 -23.14 -30.47
C GLU D 218 -14.66 -22.86 -29.97
N TRP D 219 -13.69 -23.55 -30.56
CA TRP D 219 -12.26 -23.35 -30.24
C TRP D 219 -11.41 -23.54 -31.47
N THR D 220 -10.66 -22.49 -31.84
CA THR D 220 -9.96 -22.46 -33.13
C THR D 220 -8.42 -22.52 -32.95
N GLN D 221 -7.92 -22.48 -31.73
CA GLN D 221 -6.46 -22.45 -31.51
C GLN D 221 -5.85 -23.85 -31.41
N ASP D 222 -4.53 -23.94 -31.61
CA ASP D 222 -3.76 -25.17 -31.43
C ASP D 222 -3.66 -25.56 -29.98
N ARG D 223 -3.54 -24.56 -29.10
CA ARG D 223 -3.39 -24.85 -27.70
C ARG D 223 -4.65 -25.50 -27.19
N ALA D 224 -4.49 -26.17 -26.05
CA ALA D 224 -5.58 -26.86 -25.40
C ALA D 224 -6.85 -25.99 -25.29
N LYS D 225 -8.03 -26.54 -25.61
CA LYS D 225 -9.28 -25.81 -25.35
C LYS D 225 -9.41 -25.57 -23.83
N PRO D 226 -9.60 -24.31 -23.38
CA PRO D 226 -9.57 -23.96 -21.96
C PRO D 226 -10.89 -24.20 -21.24
N VAL D 227 -11.27 -25.45 -21.11
CA VAL D 227 -12.52 -25.83 -20.50
C VAL D 227 -12.38 -25.78 -18.96
N THR D 228 -13.49 -25.71 -18.30
CA THR D 228 -13.60 -25.95 -16.83
C THR D 228 -12.84 -27.22 -16.48
N GLN D 229 -11.96 -27.13 -15.50
CA GLN D 229 -11.04 -28.24 -15.19
C GLN D 229 -10.35 -28.01 -13.88
N ILE D 230 -9.74 -29.06 -13.36
CA ILE D 230 -8.90 -28.94 -12.19
C ILE D 230 -7.42 -29.09 -12.57
N VAL D 231 -6.63 -28.18 -12.04
CA VAL D 231 -5.16 -28.19 -12.20
C VAL D 231 -4.59 -28.29 -10.80
N SER D 232 -3.77 -29.34 -10.53
CA SER D 232 -3.09 -29.43 -9.23
C SER D 232 -1.57 -29.39 -9.36
N ALA D 233 -0.90 -29.28 -8.22
CA ALA D 233 0.56 -29.49 -8.10
C ALA D 233 0.82 -30.13 -6.72
N GLU D 234 1.91 -30.87 -6.56
CA GLU D 234 2.10 -31.69 -5.37
C GLU D 234 3.56 -31.71 -4.92
N ALA D 235 3.76 -32.10 -3.65
CA ALA D 235 5.08 -32.27 -3.08
C ALA D 235 4.97 -33.36 -2.03
N TRP D 236 6.06 -34.11 -1.79
CA TRP D 236 6.10 -35.06 -0.67
C TRP D 236 6.95 -34.43 0.39
N GLY D 237 6.73 -34.78 1.65
CA GLY D 237 7.65 -34.40 2.72
C GLY D 237 9.08 -34.91 2.48
N ARG D 238 10.03 -34.36 3.20
CA ARG D 238 11.45 -34.50 2.84
C ARG D 238 12.28 -34.32 4.14
N ALA D 239 13.03 -35.36 4.51
CA ALA D 239 13.64 -35.43 5.83
C ALA D 239 15.10 -34.97 5.85
N ASP D 240 15.57 -34.25 4.83
CA ASP D 240 17.01 -34.44 4.42
C ASP D 240 17.97 -33.24 4.39
C1 EDO E . -4.07 10.13 18.48
O1 EDO E . -5.11 10.99 18.92
C2 EDO E . -3.02 10.96 17.75
O2 EDO E . -1.82 10.22 17.58
C1 EDO F . -5.21 12.86 22.95
O1 EDO F . -6.51 12.44 22.52
C2 EDO F . -4.22 11.70 22.95
O2 EDO F . -4.33 10.90 21.76
S SO4 G . 7.60 3.14 1.69
O1 SO4 G . 8.36 2.21 2.54
O2 SO4 G . 8.16 4.51 1.82
O3 SO4 G . 6.18 3.14 2.13
O4 SO4 G . 7.69 2.73 0.26
C1 GOL H . 9.99 -3.33 15.09
O1 GOL H . 10.45 -4.60 15.57
C2 GOL H . 8.46 -3.27 15.06
O2 GOL H . 8.03 -2.90 13.76
C3 GOL H . 7.86 -2.23 15.99
O3 GOL H . 7.89 -2.75 17.32
C1 GOL I . -9.30 20.72 -5.24
O1 GOL I . -8.21 19.81 -5.37
C2 GOL I . -10.65 20.07 -5.61
O2 GOL I . -11.38 19.90 -4.38
C3 GOL I . -11.58 20.85 -6.59
O3 GOL I . -10.92 21.49 -7.69
C1 EDO J . 13.67 31.37 8.86
O1 EDO J . 12.92 31.64 10.05
C2 EDO J . 14.68 30.23 9.00
O2 EDO J . 14.58 29.41 7.82
C1 EDO K . 36.86 16.71 -17.92
O1 EDO K . 37.56 15.53 -18.30
C2 EDO K . 36.30 16.57 -16.53
O2 EDO K . 35.96 17.81 -15.88
S SO4 L . 10.26 25.14 15.10
O1 SO4 L . 11.01 24.03 15.75
O2 SO4 L . 11.08 25.53 13.92
O3 SO4 L . 8.92 24.74 14.67
O4 SO4 L . 10.09 26.28 16.04
S SO4 M . 5.82 36.20 5.72
O1 SO4 M . 7.21 35.71 5.85
O2 SO4 M . 5.66 36.99 4.45
O3 SO4 M . 4.92 35.02 5.69
O4 SO4 M . 5.46 37.09 6.85
S SO4 N . 12.33 25.77 -24.55
O1 SO4 N . 12.42 26.11 -23.10
O2 SO4 N . 13.62 25.24 -25.00
O3 SO4 N . 11.29 24.74 -24.71
O4 SO4 N . 11.93 26.97 -25.32
C1 GOL O . 21.53 27.76 -5.59
O1 GOL O . 20.60 26.69 -5.34
C2 GOL O . 22.33 27.52 -6.88
O2 GOL O . 22.42 26.13 -7.19
C3 GOL O . 23.78 28.00 -6.77
O3 GOL O . 24.56 27.00 -6.13
C1 GOL P . 18.16 26.89 -13.56
O1 GOL P . 18.04 26.32 -14.91
C2 GOL P . 18.49 25.80 -12.53
O2 GOL P . 19.66 25.14 -13.00
C3 GOL P . 18.76 26.32 -11.11
O3 GOL P . 17.96 27.46 -10.74
C1 GOL Q . 5.49 27.12 15.45
O1 GOL Q . 6.31 26.11 16.06
C2 GOL Q . 4.28 27.58 16.27
O2 GOL Q . 3.05 27.02 15.75
C3 GOL Q . 4.11 29.11 16.24
O3 GOL Q . 5.34 29.82 15.99
C1 EDO R . -5.75 -9.04 5.36
O1 EDO R . -6.97 -8.82 6.05
C2 EDO R . -5.08 -7.69 5.14
O2 EDO R . -4.60 -7.64 3.79
C1 EDO S . -9.42 -9.87 3.12
O1 EDO S . -10.06 -11.12 3.37
C2 EDO S . -10.09 -9.16 1.95
O2 EDO S . -9.19 -8.25 1.33
C1 EDO T . 0.22 -17.44 18.41
O1 EDO T . -1.18 -17.44 18.06
C2 EDO T . 1.02 -16.45 17.57
O2 EDO T . 2.11 -15.90 18.33
S SO4 U . -34.15 6.99 19.94
O1 SO4 U . -32.99 7.46 19.14
O2 SO4 U . -33.69 6.47 21.24
O3 SO4 U . -34.88 5.93 19.19
O4 SO4 U . -35.08 8.13 20.16
C1 GOL V . -10.61 -17.19 17.08
O1 GOL V . -10.54 -15.75 17.18
C2 GOL V . -11.88 -17.70 16.36
O2 GOL V . -12.72 -18.41 17.31
C3 GOL V . -11.57 -18.57 15.15
O3 GOL V . -12.41 -19.75 15.08
C1 GOL W . 7.83 -18.39 -9.93
O1 GOL W . 6.78 -18.06 -10.86
C2 GOL W . 9.18 -17.96 -10.48
O2 GOL W . 10.22 -18.36 -9.57
C3 GOL W . 9.37 -18.55 -11.88
O3 GOL W . 10.74 -18.87 -12.19
C1 GOL X . -9.06 -10.79 6.27
O1 GOL X . -10.48 -10.76 6.13
C2 GOL X . -8.55 -11.35 7.58
O2 GOL X . -7.19 -10.92 7.77
C3 GOL X . -9.42 -10.76 8.66
O3 GOL X . -9.20 -11.37 9.91
C1 EDO Y . -22.22 -1.64 -13.75
O1 EDO Y . -21.89 -1.69 -12.34
C2 EDO Y . -23.12 -0.44 -14.07
O2 EDO Y . -24.25 -0.37 -13.19
C1 EDO Z . -37.74 0.22 -21.20
O1 EDO Z . -36.80 -0.78 -21.59
C2 EDO Z . -39.14 -0.38 -21.17
O2 EDO Z . -40.00 0.43 -20.36
C1 EDO AA . -34.60 -2.31 -19.03
O1 EDO AA . -35.54 -3.02 -19.82
C2 EDO AA . -34.91 -0.82 -19.07
O2 EDO AA . -34.27 -0.11 -18.01
C1 EDO BA . -12.99 -18.98 -29.49
O1 EDO BA . -14.27 -18.41 -29.75
C2 EDO BA . -12.39 -19.60 -30.74
O2 EDO BA . -11.09 -20.12 -30.44
C1 EDO CA . -41.08 -2.04 -16.53
O1 EDO CA . -41.58 -0.85 -15.87
C2 EDO CA . -40.54 -1.71 -17.92
O2 EDO CA . -39.23 -2.25 -18.17
C1 EDO DA . -26.36 -3.12 -17.28
O1 EDO DA . -27.14 -2.07 -16.71
C2 EDO DA . -24.95 -2.61 -17.46
O2 EDO DA . -24.20 -2.84 -16.25
C1 EDO EA . -26.62 -2.03 -21.88
O1 EDO EA . -26.46 -1.57 -20.53
C2 EDO EA . -25.93 -3.39 -22.06
O2 EDO EA . -26.75 -4.33 -22.76
C1 EDO FA . -28.95 -22.39 -6.40
O1 EDO FA . -29.41 -23.01 -7.59
C2 EDO FA . -30.14 -22.02 -5.53
O2 EDO FA . -29.91 -21.64 -4.17
C1 EDO GA . -5.17 -37.74 -3.62
O1 EDO GA . -5.87 -36.94 -4.59
C2 EDO GA . -3.84 -37.08 -3.36
O2 EDO GA . -4.07 -35.69 -3.05
C1 EDO HA . -13.01 -10.64 -16.64
O1 EDO HA . -13.94 -9.87 -15.86
C2 EDO HA . -11.95 -11.12 -15.69
O2 EDO HA . -12.51 -12.03 -14.74
S SO4 IA . -23.52 -24.91 -13.83
O1 SO4 IA . -22.40 -24.34 -13.06
O2 SO4 IA . -23.45 -26.39 -13.76
O3 SO4 IA . -24.82 -24.49 -13.26
O4 SO4 IA . -23.41 -24.47 -15.25
S SO4 JA . -42.74 -7.15 1.63
O1 SO4 JA . -42.72 -7.34 3.09
O2 SO4 JA . -41.47 -7.62 0.99
O3 SO4 JA . -43.89 -7.92 1.16
O4 SO4 JA . -42.94 -5.72 1.29
S SO4 KA . -17.52 -11.84 -10.83
O1 SO4 KA . -17.04 -12.90 -9.91
O2 SO4 KA . -16.50 -11.63 -11.87
O3 SO4 KA . -18.81 -12.30 -11.42
O4 SO4 KA . -17.73 -10.57 -10.10
S SO4 LA . -17.03 -17.82 -13.67
O1 SO4 LA . -17.06 -18.87 -14.71
O2 SO4 LA . -15.75 -17.06 -13.80
O3 SO4 LA . -17.06 -18.51 -12.35
O4 SO4 LA . -18.19 -16.89 -13.85
C1 GOL MA . -6.48 -30.63 9.57
O1 GOL MA . -5.16 -30.14 9.19
C2 GOL MA . -7.61 -30.11 8.70
O2 GOL MA . -7.60 -28.71 8.56
C3 GOL MA . -8.99 -30.32 9.27
O3 GOL MA . -9.66 -29.09 8.95
C1 GOL NA . -19.94 -18.61 -27.11
O1 GOL NA . -19.89 -17.52 -28.05
C2 GOL NA . -20.35 -18.14 -25.69
O2 GOL NA . -20.42 -16.72 -25.68
C3 GOL NA . -19.43 -18.59 -24.55
O3 GOL NA . -20.10 -19.48 -23.66
#